data_1QW5
#
_entry.id   1QW5
#
_cell.length_a   214.561
_cell.length_b   214.561
_cell.length_c   117.391
_cell.angle_alpha   90.00
_cell.angle_beta   90.00
_cell.angle_gamma   120.00
#
_symmetry.space_group_name_H-M   'P 61 2 2'
#
loop_
_entity.id
_entity.type
_entity.pdbx_description
1 polymer 'Nitric oxide synthase, inducible'
2 non-polymer 'ZINC ION'
3 non-polymer 'PROTOPORPHYRIN IX CONTAINING FE'
4 non-polymer 5,6,7,8-TETRAHYDROBIOPTERIN
5 non-polymer N-(3-(AMINOMETHYL)BENZYL)ACETAMIDINE
6 water water
#
_entity_poly.entity_id   1
_entity_poly.type   'polypeptide(L)'
_entity_poly.pdbx_seq_one_letter_code
;QYVRIKNWGSGEILHDTLHHKATSDFTCKSKSCLGSIMNPKSLTRGPRDKPTPLEELLPHAIEFINQYYGSFKEAKIEEH
LARLEAVTKEIETTGTYQLTLDELIFATKMAWRNAPRCIGRIQWSNLQVFDARNCSTAQEMFQHICRHILYATNNGNIRS
AITVFPQRSDGKHDFRLWNSQLIRYAGYQMPDGTIRGDAATLEFTQLCIDLGWKPRYGRFDVLPLVLQADGQDPEVFEIP
PDLVLEVTMEHPKYEWFQELGLKWYALPAVANMLLEVGGLEFPACPFNGWYMGTEIGVRDFCDTQRYNILEEVGRRMGLE
THTLASLWKDRAVTEINVAVLHSFQKQNVTIMDHHTASESFMKHMQNEYRARGGCPADWIWLVPPVSGSITPVFHQEMLN
YVLSPFYYYQIEPWKTHIW
;
_entity_poly.pdbx_strand_id   A,B
#
# COMPACT_ATOMS: atom_id res chain seq x y z
N GLN A 1 11.47 28.01 47.33
CA GLN A 1 12.14 29.29 46.95
C GLN A 1 12.92 29.13 45.62
N TYR A 2 13.60 30.20 45.21
CA TYR A 2 14.35 30.19 43.95
C TYR A 2 15.49 29.17 43.85
N VAL A 3 15.82 28.77 42.63
CA VAL A 3 16.92 27.83 42.40
C VAL A 3 18.06 28.64 41.81
N ARG A 4 19.24 28.54 42.42
CA ARG A 4 20.40 29.28 41.96
C ARG A 4 20.93 28.68 40.66
N ILE A 5 21.17 29.53 39.66
CA ILE A 5 21.66 29.06 38.37
C ILE A 5 22.84 29.90 37.92
N LYS A 6 23.89 29.25 37.41
CA LYS A 6 25.10 29.98 37.04
C LYS A 6 25.56 29.85 35.60
N ASN A 7 26.23 30.90 35.13
CA ASN A 7 26.79 30.94 33.79
C ASN A 7 28.30 30.90 33.96
N TRP A 8 28.88 29.72 33.76
CA TRP A 8 30.31 29.56 33.94
C TRP A 8 31.16 30.43 33.04
N GLY A 9 30.54 31.05 32.04
CA GLY A 9 31.28 31.90 31.14
C GLY A 9 31.51 33.30 31.72
N SER A 10 30.45 33.85 32.32
CA SER A 10 30.46 35.18 32.92
C SER A 10 30.52 35.10 34.44
N GLY A 11 30.24 33.92 34.97
CA GLY A 11 30.24 33.73 36.41
C GLY A 11 28.94 34.24 37.01
N GLU A 12 28.10 34.86 36.18
CA GLU A 12 26.83 35.41 36.64
C GLU A 12 25.86 34.39 37.26
N ILE A 13 25.06 34.84 38.21
CA ILE A 13 24.08 33.96 38.85
C ILE A 13 22.64 34.47 38.71
N LEU A 14 21.70 33.54 38.50
CA LEU A 14 20.28 33.89 38.35
C LEU A 14 19.47 33.06 39.35
N HIS A 15 18.28 33.55 39.69
CA HIS A 15 17.40 32.86 40.64
C HIS A 15 16.09 32.56 39.94
N ASP A 16 15.86 31.28 39.66
CA ASP A 16 14.65 30.85 38.96
C ASP A 16 13.54 30.52 39.93
N THR A 17 12.47 31.32 39.85
CA THR A 17 11.31 31.15 40.70
C THR A 17 10.15 30.67 39.84
N LEU A 18 10.22 31.02 38.56
CA LEU A 18 9.18 30.65 37.62
C LEU A 18 8.84 29.17 37.58
N HIS A 19 9.83 28.31 37.82
CA HIS A 19 9.56 26.89 37.77
C HIS A 19 8.46 26.44 38.72
N HIS A 20 8.15 27.28 39.71
CA HIS A 20 7.12 26.92 40.68
C HIS A 20 5.77 26.68 40.01
N LYS A 21 5.56 27.28 38.84
CA LYS A 21 4.30 27.12 38.11
C LYS A 21 4.24 25.85 37.26
N ALA A 22 5.35 25.15 37.15
CA ALA A 22 5.39 23.91 36.36
C ALA A 22 4.21 23.04 36.77
N THR A 23 3.70 22.24 35.82
CA THR A 23 2.55 21.37 36.06
C THR A 23 2.99 19.97 36.48
N SER A 24 2.45 18.95 35.79
CA SER A 24 2.74 17.53 36.07
C SER A 24 4.23 17.19 36.17
N ASP A 25 4.53 15.89 36.26
CA ASP A 25 5.93 15.47 36.34
C ASP A 25 6.60 15.50 34.98
N PHE A 26 7.90 15.80 34.99
CA PHE A 26 8.69 15.86 33.77
C PHE A 26 9.26 14.46 33.46
N THR A 27 10.31 14.40 32.62
CA THR A 27 10.94 13.14 32.19
C THR A 27 11.74 12.45 33.30
N CYS A 28 12.93 12.98 33.58
CA CYS A 28 13.81 12.46 34.61
C CYS A 28 13.09 12.24 35.95
N LYS A 29 13.21 11.01 36.45
CA LYS A 29 12.59 10.59 37.72
C LYS A 29 12.97 11.43 38.96
N SER A 30 13.02 10.75 40.10
CA SER A 30 13.38 11.35 41.39
C SER A 30 14.85 11.00 41.65
N LYS A 31 15.27 9.84 41.13
CA LYS A 31 16.64 9.35 41.29
C LYS A 31 17.36 9.09 39.95
N SER A 32 16.58 8.96 38.87
CA SER A 32 17.15 8.76 37.52
C SER A 32 16.94 10.07 36.72
N CYS A 33 17.69 10.23 35.64
CA CYS A 33 17.57 11.42 34.82
C CYS A 33 17.41 11.01 33.36
N LEU A 34 16.20 11.26 32.84
CA LEU A 34 15.84 10.94 31.45
C LEU A 34 15.80 12.21 30.59
N GLY A 35 16.76 13.12 30.82
CA GLY A 35 16.82 14.37 30.10
C GLY A 35 17.19 14.31 28.62
N SER A 36 17.88 13.25 28.19
CA SER A 36 18.27 13.14 26.78
C SER A 36 17.28 12.30 25.99
N ILE A 37 16.03 12.28 26.44
CA ILE A 37 14.99 11.52 25.75
C ILE A 37 14.27 12.53 24.87
N MET A 38 14.19 12.25 23.58
CA MET A 38 13.52 13.13 22.63
C MET A 38 12.02 13.21 22.84
N ASN A 39 11.37 12.03 22.93
CA ASN A 39 9.92 11.94 23.10
C ASN A 39 9.40 11.43 24.43
N PRO A 40 9.77 12.07 25.55
CA PRO A 40 9.25 11.55 26.83
C PRO A 40 7.73 11.79 26.85
N LYS A 41 7.00 11.01 27.65
CA LYS A 41 5.55 11.17 27.75
C LYS A 41 5.20 12.52 28.35
N SER A 42 6.04 13.02 29.23
CA SER A 42 5.77 14.32 29.87
C SER A 42 5.75 15.42 28.83
N LEU A 43 6.11 15.09 27.59
CA LEU A 43 6.16 16.06 26.51
C LEU A 43 5.13 15.80 25.41
N THR A 44 4.38 14.72 25.55
CA THR A 44 3.37 14.33 24.58
C THR A 44 1.95 14.45 25.14
N ARG A 45 1.04 14.94 24.30
CA ARG A 45 -0.38 15.09 24.66
C ARG A 45 -1.21 14.32 23.63
N GLY A 46 -1.44 13.04 23.93
CA GLY A 46 -2.16 12.13 23.05
C GLY A 46 -3.64 12.38 22.79
N PRO A 47 -4.32 11.41 22.17
CA PRO A 47 -5.75 11.53 21.86
C PRO A 47 -6.69 11.38 23.02
N ARG A 48 -7.94 11.73 22.76
CA ARG A 48 -9.00 11.63 23.74
C ARG A 48 -10.22 10.94 23.13
N ASP A 49 -11.07 10.41 23.99
CA ASP A 49 -12.26 9.66 23.59
C ASP A 49 -13.53 10.39 23.99
N LYS A 50 -13.43 11.18 25.04
CA LYS A 50 -14.54 11.94 25.56
C LYS A 50 -14.08 13.37 25.81
N PRO A 51 -15.00 14.26 26.15
CA PRO A 51 -14.63 15.66 26.42
C PRO A 51 -13.81 15.80 27.69
N THR A 52 -13.13 16.93 27.84
CA THR A 52 -12.36 17.12 29.06
C THR A 52 -13.39 17.37 30.17
N PRO A 53 -13.18 16.75 31.34
CA PRO A 53 -14.11 16.94 32.45
C PRO A 53 -14.21 18.39 32.88
N LEU A 54 -15.45 18.82 33.17
CA LEU A 54 -15.72 20.18 33.61
C LEU A 54 -14.85 20.56 34.78
N GLU A 55 -14.72 19.63 35.74
CA GLU A 55 -13.93 19.86 36.95
C GLU A 55 -12.49 20.25 36.67
N GLU A 56 -11.91 19.66 35.62
CA GLU A 56 -10.53 19.95 35.25
C GLU A 56 -10.44 21.25 34.46
N LEU A 57 -11.24 21.34 33.41
CA LEU A 57 -11.27 22.49 32.52
C LEU A 57 -11.44 23.83 33.26
N LEU A 58 -12.58 23.99 33.93
CA LEU A 58 -12.87 25.22 34.65
C LEU A 58 -11.66 25.76 35.40
N PRO A 59 -11.04 24.92 36.25
CA PRO A 59 -9.86 25.37 37.01
C PRO A 59 -8.75 25.93 36.12
N HIS A 60 -8.48 25.24 35.01
CA HIS A 60 -7.45 25.70 34.09
C HIS A 60 -7.88 26.99 33.39
N ALA A 61 -9.09 26.97 32.86
CA ALA A 61 -9.64 28.13 32.17
C ALA A 61 -9.52 29.39 33.00
N ILE A 62 -9.89 29.30 34.28
CA ILE A 62 -9.81 30.44 35.20
C ILE A 62 -8.36 30.89 35.27
N GLU A 63 -7.48 29.92 35.45
CA GLU A 63 -6.05 30.16 35.54
C GLU A 63 -5.53 30.95 34.32
N PHE A 64 -5.87 30.49 33.12
CA PHE A 64 -5.46 31.17 31.91
C PHE A 64 -6.01 32.60 31.84
N ILE A 65 -7.33 32.74 32.02
CA ILE A 65 -7.96 34.06 31.99
C ILE A 65 -7.24 34.99 32.96
N ASN A 66 -6.87 34.47 34.12
CA ASN A 66 -6.18 35.28 35.11
C ASN A 66 -4.80 35.67 34.59
N GLN A 67 -4.13 34.73 33.91
CA GLN A 67 -2.82 34.98 33.34
C GLN A 67 -2.89 36.06 32.24
N TYR A 68 -3.90 35.92 31.38
CA TYR A 68 -4.09 36.88 30.28
C TYR A 68 -4.24 38.29 30.82
N TYR A 69 -5.30 38.49 31.60
CA TYR A 69 -5.58 39.80 32.17
C TYR A 69 -4.48 40.29 33.07
N GLY A 70 -3.65 39.37 33.55
CA GLY A 70 -2.55 39.78 34.41
C GLY A 70 -1.41 40.37 33.60
N SER A 71 -1.30 39.97 32.35
CA SER A 71 -0.22 40.42 31.46
C SER A 71 -0.26 41.90 31.09
N PHE A 72 -1.40 42.54 31.33
CA PHE A 72 -1.58 43.95 30.98
C PHE A 72 -0.81 44.89 31.89
N LYS A 73 -0.39 46.02 31.31
CA LYS A 73 0.27 47.06 32.08
C LYS A 73 -0.99 47.82 32.51
N GLU A 74 -1.16 48.08 33.80
CA GLU A 74 -2.37 48.73 34.34
C GLU A 74 -3.60 47.91 33.90
N ALA A 75 -4.05 47.07 34.81
CA ALA A 75 -5.16 46.14 34.58
C ALA A 75 -6.56 46.66 34.25
N LYS A 76 -7.46 45.71 34.09
CA LYS A 76 -8.87 45.95 33.77
C LYS A 76 -9.69 44.96 34.61
N ILE A 77 -9.71 45.18 35.92
CA ILE A 77 -10.41 44.29 36.86
C ILE A 77 -11.82 43.98 36.40
N GLU A 78 -12.57 45.02 36.07
CA GLU A 78 -13.95 44.85 35.63
C GLU A 78 -14.02 43.89 34.45
N GLU A 79 -13.34 44.24 33.36
CA GLU A 79 -13.33 43.38 32.18
C GLU A 79 -12.90 41.97 32.57
N HIS A 80 -11.90 41.91 33.44
CA HIS A 80 -11.33 40.67 33.94
C HIS A 80 -12.40 39.75 34.56
N LEU A 81 -12.93 40.18 35.71
CA LEU A 81 -13.97 39.46 36.44
C LEU A 81 -15.12 39.14 35.49
N ALA A 82 -15.44 40.09 34.63
CA ALA A 82 -16.49 39.92 33.66
C ALA A 82 -16.19 38.69 32.81
N ARG A 83 -14.97 38.65 32.27
CA ARG A 83 -14.52 37.55 31.42
C ARG A 83 -14.57 36.18 32.13
N LEU A 84 -14.12 36.16 33.38
CA LEU A 84 -14.12 34.95 34.17
C LEU A 84 -15.54 34.42 34.26
N GLU A 85 -16.48 35.32 34.47
CA GLU A 85 -17.88 34.94 34.58
C GLU A 85 -18.44 34.33 33.30
N ALA A 86 -18.18 35.01 32.17
CA ALA A 86 -18.65 34.60 30.86
C ALA A 86 -18.11 33.23 30.47
N VAL A 87 -16.86 32.99 30.84
CA VAL A 87 -16.23 31.72 30.52
C VAL A 87 -16.87 30.62 31.35
N THR A 88 -17.10 30.89 32.63
CA THR A 88 -17.71 29.91 33.52
C THR A 88 -19.07 29.49 32.95
N LYS A 89 -19.90 30.50 32.70
CA LYS A 89 -21.23 30.29 32.14
C LYS A 89 -21.15 29.49 30.87
N GLU A 90 -20.19 29.84 30.02
CA GLU A 90 -20.02 29.17 28.75
C GLU A 90 -19.71 27.68 28.89
N ILE A 91 -18.91 27.33 29.90
CA ILE A 91 -18.57 25.93 30.12
C ILE A 91 -19.78 25.17 30.70
N GLU A 92 -20.49 25.84 31.61
CA GLU A 92 -21.69 25.27 32.23
C GLU A 92 -22.74 24.98 31.16
N THR A 93 -22.88 25.92 30.23
CA THR A 93 -23.88 25.82 29.18
C THR A 93 -23.48 25.10 27.89
N THR A 94 -22.19 25.10 27.56
CA THR A 94 -21.77 24.44 26.33
C THR A 94 -20.89 23.23 26.57
N GLY A 95 -20.14 23.26 27.68
CA GLY A 95 -19.26 22.15 28.00
C GLY A 95 -17.82 22.43 27.61
N THR A 96 -17.55 23.68 27.25
CA THR A 96 -16.22 24.12 26.85
C THR A 96 -16.31 25.63 26.64
N TYR A 97 -15.28 26.24 26.09
CA TYR A 97 -15.36 27.67 25.85
C TYR A 97 -14.49 28.11 24.67
N GLN A 98 -14.78 29.30 24.17
CA GLN A 98 -14.07 29.85 23.04
C GLN A 98 -13.21 31.01 23.48
N LEU A 99 -11.98 31.03 22.99
CA LEU A 99 -11.05 32.10 23.34
C LEU A 99 -11.31 33.30 22.45
N THR A 100 -11.14 34.49 23.00
CA THR A 100 -11.30 35.69 22.21
C THR A 100 -10.07 35.68 21.28
N LEU A 101 -10.16 36.31 20.11
CA LEU A 101 -9.01 36.31 19.22
C LEU A 101 -7.76 36.77 19.95
N ASP A 102 -7.89 37.84 20.71
CA ASP A 102 -6.77 38.38 21.46
C ASP A 102 -6.10 37.40 22.41
N GLU A 103 -6.90 36.60 23.10
CA GLU A 103 -6.39 35.62 24.03
C GLU A 103 -5.68 34.50 23.26
N LEU A 104 -6.16 34.18 22.08
CA LEU A 104 -5.52 33.14 21.27
C LEU A 104 -4.15 33.65 20.87
N ILE A 105 -4.11 34.91 20.45
CA ILE A 105 -2.87 35.53 20.04
C ILE A 105 -1.88 35.48 21.19
N PHE A 106 -2.38 35.81 22.37
CA PHE A 106 -1.58 35.81 23.59
C PHE A 106 -1.14 34.39 23.91
N ALA A 107 -2.07 33.46 23.74
CA ALA A 107 -1.80 32.07 24.04
C ALA A 107 -0.72 31.48 23.14
N THR A 108 -0.74 31.81 21.86
CA THR A 108 0.24 31.27 20.92
C THR A 108 1.66 31.81 21.15
N LYS A 109 1.77 33.08 21.53
CA LYS A 109 3.07 33.70 21.79
C LYS A 109 3.65 33.25 23.12
N MET A 110 2.78 32.93 24.07
CA MET A 110 3.23 32.47 25.38
C MET A 110 3.76 31.05 25.25
N ALA A 111 3.02 30.21 24.53
CA ALA A 111 3.40 28.82 24.32
C ALA A 111 4.75 28.78 23.62
N TRP A 112 4.99 29.73 22.74
CA TRP A 112 6.25 29.82 22.01
C TRP A 112 7.29 30.20 23.07
N ARG A 113 6.93 31.22 23.83
CA ARG A 113 7.75 31.74 24.90
C ARG A 113 8.13 30.65 25.92
N ASN A 114 7.25 29.66 26.05
CA ASN A 114 7.44 28.53 26.98
C ASN A 114 7.91 27.25 26.30
N ALA A 115 8.53 27.40 25.13
CA ALA A 115 9.04 26.24 24.40
C ALA A 115 10.51 26.11 24.81
N PRO A 116 10.80 25.19 25.75
CA PRO A 116 12.18 24.99 26.22
C PRO A 116 13.23 24.61 25.17
N ARG A 117 12.80 24.00 24.07
CA ARG A 117 13.72 23.58 23.02
C ARG A 117 13.91 24.60 21.85
N CYS A 118 13.36 25.81 22.00
CA CYS A 118 13.46 26.85 20.96
C CYS A 118 14.49 27.92 21.25
N ILE A 119 15.50 28.03 20.40
CA ILE A 119 16.58 28.99 20.55
C ILE A 119 16.24 30.40 20.04
N GLY A 120 15.13 30.53 19.32
CA GLY A 120 14.77 31.83 18.79
C GLY A 120 13.66 32.52 19.53
N ARG A 121 13.42 32.11 20.76
CA ARG A 121 12.36 32.71 21.57
C ARG A 121 12.50 34.20 21.83
N ILE A 122 13.52 34.85 21.28
CA ILE A 122 13.64 36.28 21.53
C ILE A 122 12.65 37.00 20.62
N GLN A 123 12.04 36.25 19.71
CA GLN A 123 11.05 36.74 18.75
C GLN A 123 9.63 36.42 19.18
N TRP A 124 9.48 35.75 20.32
CA TRP A 124 8.16 35.34 20.80
C TRP A 124 7.03 36.34 20.65
N SER A 125 7.33 37.62 20.65
CA SER A 125 6.29 38.63 20.53
C SER A 125 5.93 38.94 19.06
N ASN A 126 6.85 38.65 18.14
CA ASN A 126 6.61 38.89 16.71
C ASN A 126 6.11 37.62 16.06
N LEU A 127 4.80 37.45 16.06
CA LEU A 127 4.16 36.27 15.48
C LEU A 127 2.75 36.56 14.92
N GLN A 128 2.57 36.28 13.63
CA GLN A 128 1.31 36.46 12.94
C GLN A 128 0.40 35.27 13.22
N VAL A 129 -0.83 35.57 13.62
CA VAL A 129 -1.79 34.54 13.94
C VAL A 129 -2.99 34.54 12.98
N PHE A 130 -3.17 33.42 12.29
CA PHE A 130 -4.27 33.25 11.35
C PHE A 130 -5.31 32.37 12.02
N ASP A 131 -6.49 32.95 12.27
CA ASP A 131 -7.56 32.24 12.92
C ASP A 131 -8.42 31.39 12.00
N ALA A 132 -8.14 30.10 11.97
CA ALA A 132 -8.89 29.16 11.14
C ALA A 132 -9.81 28.28 11.99
N ARG A 133 -10.18 28.77 13.17
CA ARG A 133 -11.04 28.04 14.11
C ARG A 133 -12.41 27.68 13.55
N ASN A 134 -12.75 28.29 12.43
CA ASN A 134 -14.02 28.11 11.75
C ASN A 134 -13.95 27.02 10.67
N CYS A 135 -12.74 26.61 10.32
CA CYS A 135 -12.52 25.60 9.30
C CYS A 135 -13.47 24.40 9.48
N SER A 136 -13.93 23.84 8.38
CA SER A 136 -14.88 22.73 8.42
C SER A 136 -14.42 21.51 7.64
N THR A 137 -13.77 21.73 6.51
CA THR A 137 -13.30 20.62 5.67
C THR A 137 -11.79 20.62 5.42
N ALA A 138 -11.29 19.56 4.80
CA ALA A 138 -9.88 19.45 4.48
C ALA A 138 -9.54 20.50 3.44
N GLN A 139 -10.43 20.68 2.47
CA GLN A 139 -10.24 21.65 1.41
C GLN A 139 -9.96 23.04 1.99
N GLU A 140 -10.72 23.41 3.02
CA GLU A 140 -10.55 24.71 3.66
C GLU A 140 -9.22 24.75 4.41
N MET A 141 -8.80 23.60 4.94
CA MET A 141 -7.53 23.49 5.64
C MET A 141 -6.45 23.82 4.63
N PHE A 142 -6.41 23.04 3.55
CA PHE A 142 -5.45 23.21 2.47
C PHE A 142 -5.37 24.66 2.00
N GLN A 143 -6.51 25.33 2.02
CA GLN A 143 -6.56 26.72 1.61
C GLN A 143 -5.83 27.58 2.63
N HIS A 144 -6.15 27.37 3.91
CA HIS A 144 -5.50 28.12 4.97
C HIS A 144 -3.98 27.92 4.99
N ILE A 145 -3.58 26.66 4.91
CA ILE A 145 -2.17 26.32 4.92
C ILE A 145 -1.47 27.06 3.80
N CYS A 146 -2.11 27.07 2.62
CA CYS A 146 -1.53 27.75 1.47
C CYS A 146 -1.34 29.25 1.77
N ARG A 147 -2.33 29.86 2.42
CA ARG A 147 -2.26 31.28 2.78
C ARG A 147 -1.07 31.47 3.72
N HIS A 148 -0.93 30.52 4.65
CA HIS A 148 0.13 30.55 5.63
C HIS A 148 1.49 30.48 4.93
N ILE A 149 1.69 29.43 4.13
CA ILE A 149 2.94 29.26 3.42
C ILE A 149 3.29 30.53 2.64
N LEU A 150 2.30 31.07 1.94
CA LEU A 150 2.51 32.27 1.13
C LEU A 150 2.83 33.47 2.00
N TYR A 151 2.14 33.59 3.13
CA TYR A 151 2.38 34.71 4.02
C TYR A 151 3.74 34.62 4.69
N ALA A 152 4.08 33.43 5.17
CA ALA A 152 5.35 33.20 5.86
C ALA A 152 6.58 33.31 4.95
N THR A 153 6.54 32.66 3.79
CA THR A 153 7.66 32.69 2.84
C THR A 153 8.02 34.10 2.43
N ASN A 154 7.00 34.92 2.23
CA ASN A 154 7.14 36.32 1.86
C ASN A 154 8.26 36.61 0.87
N ASN A 155 8.35 35.79 -0.18
CA ASN A 155 9.35 35.95 -1.22
C ASN A 155 10.79 35.95 -0.69
N GLY A 156 11.04 35.14 0.33
CA GLY A 156 12.38 35.08 0.91
C GLY A 156 12.49 35.79 2.25
N ASN A 157 11.81 36.91 2.40
CA ASN A 157 11.84 37.64 3.67
C ASN A 157 10.86 36.96 4.61
N ILE A 158 11.29 35.84 5.20
CA ILE A 158 10.46 35.05 6.09
C ILE A 158 9.81 35.80 7.25
N ARG A 159 8.56 35.43 7.52
CA ARG A 159 7.76 36.00 8.60
C ARG A 159 7.22 34.87 9.50
N SER A 160 7.37 35.02 10.81
CA SER A 160 6.88 33.99 11.73
C SER A 160 5.35 34.04 11.75
N ALA A 161 4.71 32.88 11.70
CA ALA A 161 3.25 32.84 11.72
C ALA A 161 2.73 31.48 12.14
N ILE A 162 1.47 31.46 12.59
CA ILE A 162 0.83 30.24 13.01
C ILE A 162 -0.63 30.29 12.60
N THR A 163 -1.19 29.15 12.22
CA THR A 163 -2.58 29.05 11.82
C THR A 163 -3.30 28.12 12.80
N VAL A 164 -4.26 28.66 13.55
CA VAL A 164 -4.97 27.86 14.52
C VAL A 164 -6.31 27.30 14.02
N PHE A 165 -6.37 25.98 13.88
CA PHE A 165 -7.57 25.30 13.41
C PHE A 165 -8.46 24.94 14.63
N PRO A 166 -9.69 24.43 14.40
CA PRO A 166 -10.62 24.07 15.48
C PRO A 166 -10.01 23.33 16.68
N GLN A 167 -10.46 23.67 17.88
CA GLN A 167 -9.98 23.02 19.09
C GLN A 167 -10.65 21.66 19.20
N ARG A 168 -10.00 20.75 19.90
CA ARG A 168 -10.54 19.41 20.11
C ARG A 168 -11.79 19.56 20.96
N SER A 169 -12.81 18.79 20.61
CA SER A 169 -14.08 18.83 21.34
C SER A 169 -14.20 17.56 22.20
N ASP A 170 -14.57 16.46 21.55
CA ASP A 170 -14.73 15.18 22.22
C ASP A 170 -13.55 14.29 21.86
N GLY A 171 -12.63 14.84 21.06
CA GLY A 171 -11.46 14.10 20.64
C GLY A 171 -11.80 13.09 19.57
N LYS A 172 -13.07 13.09 19.16
CA LYS A 172 -13.56 12.18 18.13
C LYS A 172 -13.65 12.88 16.78
N HIS A 173 -13.44 14.20 16.78
CA HIS A 173 -13.49 15.02 15.57
C HIS A 173 -12.27 15.92 15.43
N ASP A 174 -11.09 15.40 15.77
CA ASP A 174 -9.84 16.15 15.72
C ASP A 174 -9.31 16.57 14.33
N PHE A 175 -8.89 17.83 14.23
CA PHE A 175 -8.29 18.35 13.01
C PHE A 175 -6.80 18.08 13.15
N ARG A 176 -6.22 17.36 12.19
CA ARG A 176 -4.80 17.02 12.26
C ARG A 176 -4.08 17.06 10.91
N LEU A 177 -2.82 17.45 10.93
CA LEU A 177 -1.96 17.47 9.75
C LEU A 177 -1.07 16.26 9.97
N TRP A 178 -1.13 15.29 9.07
CA TRP A 178 -0.33 14.07 9.22
C TRP A 178 1.15 14.27 8.89
N ASN A 179 1.49 15.48 8.45
CA ASN A 179 2.86 15.81 8.09
C ASN A 179 3.65 16.30 9.30
N SER A 180 4.95 16.05 9.30
CA SER A 180 5.85 16.48 10.37
C SER A 180 6.09 17.98 10.19
N GLN A 181 6.24 18.39 8.93
CA GLN A 181 6.47 19.78 8.57
C GLN A 181 5.60 20.14 7.37
N LEU A 182 5.12 21.37 7.31
CA LEU A 182 4.31 21.83 6.20
C LEU A 182 5.02 21.46 4.89
N ILE A 183 6.29 21.83 4.75
CA ILE A 183 7.04 21.52 3.54
C ILE A 183 8.21 20.59 3.85
N ARG A 184 8.25 19.43 3.22
CA ARG A 184 9.34 18.49 3.45
C ARG A 184 9.54 17.58 2.25
N TYR A 185 10.75 17.02 2.11
CA TYR A 185 11.08 16.11 1.01
C TYR A 185 10.75 14.67 1.37
N ALA A 186 10.44 13.87 0.35
CA ALA A 186 10.09 12.47 0.54
C ALA A 186 11.30 11.55 0.50
N GLY A 187 11.14 10.40 1.14
CA GLY A 187 12.19 9.39 1.19
C GLY A 187 11.68 8.10 0.56
N TYR A 188 12.41 7.64 -0.45
CA TYR A 188 12.03 6.42 -1.17
C TYR A 188 13.08 5.34 -0.94
N GLN A 189 12.65 4.12 -0.64
CA GLN A 189 13.62 3.05 -0.49
C GLN A 189 13.67 2.37 -1.84
N MET A 190 14.74 2.60 -2.59
CA MET A 190 14.90 1.99 -3.90
C MET A 190 14.97 0.47 -3.78
N PRO A 191 14.62 -0.25 -4.86
CA PRO A 191 14.65 -1.72 -4.86
C PRO A 191 15.93 -2.35 -4.27
N ASP A 192 17.08 -1.87 -4.72
CA ASP A 192 18.37 -2.39 -4.25
C ASP A 192 18.76 -2.05 -2.81
N GLY A 193 17.75 -1.77 -1.97
CA GLY A 193 18.02 -1.44 -0.58
C GLY A 193 18.51 -0.01 -0.32
N THR A 194 18.78 0.72 -1.39
CA THR A 194 19.28 2.09 -1.32
C THR A 194 18.19 3.12 -1.01
N ILE A 195 18.42 3.96 -0.01
CA ILE A 195 17.45 5.01 0.33
C ILE A 195 17.74 6.19 -0.57
N ARG A 196 16.69 6.88 -1.00
CA ARG A 196 16.86 8.03 -1.87
C ARG A 196 15.98 9.15 -1.34
N GLY A 197 16.57 10.34 -1.16
CA GLY A 197 15.82 11.47 -0.64
C GLY A 197 16.01 11.59 0.86
N ASP A 198 14.97 11.98 1.58
CA ASP A 198 15.05 12.15 3.02
C ASP A 198 14.64 10.88 3.78
N ALA A 199 15.64 10.14 4.27
CA ALA A 199 15.36 8.89 4.98
C ALA A 199 14.38 9.07 6.13
N ALA A 200 14.36 10.24 6.72
CA ALA A 200 13.47 10.50 7.85
C ALA A 200 11.99 10.41 7.47
N THR A 201 11.68 10.51 6.18
CA THR A 201 10.29 10.45 5.71
C THR A 201 9.90 9.18 4.95
N LEU A 202 10.65 8.09 5.18
CA LEU A 202 10.37 6.82 4.51
C LEU A 202 8.95 6.32 4.80
N GLU A 203 8.63 6.18 6.09
CA GLU A 203 7.31 5.69 6.50
C GLU A 203 6.19 6.61 6.03
N PHE A 204 6.35 7.92 6.22
CA PHE A 204 5.33 8.85 5.80
C PHE A 204 5.17 8.86 4.29
N THR A 205 6.29 8.84 3.56
CA THR A 205 6.23 8.83 2.11
C THR A 205 5.38 7.63 1.68
N GLN A 206 5.58 6.49 2.34
CA GLN A 206 4.83 5.29 2.02
C GLN A 206 3.35 5.54 2.24
N LEU A 207 3.03 6.18 3.36
CA LEU A 207 1.65 6.49 3.70
C LEU A 207 0.98 7.32 2.61
N CYS A 208 1.71 8.30 2.07
CA CYS A 208 1.18 9.16 1.02
C CYS A 208 0.97 8.34 -0.25
N ILE A 209 1.93 7.47 -0.54
CA ILE A 209 1.83 6.62 -1.71
C ILE A 209 0.62 5.72 -1.52
N ASP A 210 0.48 5.18 -0.32
CA ASP A 210 -0.65 4.32 -0.01
C ASP A 210 -1.93 5.09 -0.22
N LEU A 211 -1.97 6.35 0.20
CA LEU A 211 -3.16 7.16 0.02
C LEU A 211 -3.30 7.63 -1.43
N GLY A 212 -2.55 7.01 -2.34
CA GLY A 212 -2.65 7.34 -3.75
C GLY A 212 -1.74 8.38 -4.38
N TRP A 213 -0.85 8.97 -3.61
CA TRP A 213 0.07 9.97 -4.14
C TRP A 213 1.08 9.29 -5.08
N LYS A 214 1.36 9.94 -6.21
CA LYS A 214 2.30 9.41 -7.20
C LYS A 214 3.76 9.76 -6.89
N PRO A 215 4.55 8.74 -6.49
CA PRO A 215 5.98 8.87 -6.15
C PRO A 215 6.89 9.16 -7.36
N ARG A 216 7.58 10.29 -7.32
CA ARG A 216 8.47 10.68 -8.40
C ARG A 216 9.91 10.16 -8.25
N TYR A 217 10.21 9.59 -7.08
CA TYR A 217 11.52 9.02 -6.78
C TYR A 217 12.75 9.92 -6.92
N GLY A 218 12.71 11.11 -6.32
CA GLY A 218 13.84 12.02 -6.39
C GLY A 218 14.38 12.42 -5.02
N ARG A 219 15.63 12.86 -5.00
CA ARG A 219 16.27 13.28 -3.74
C ARG A 219 15.49 14.40 -3.06
N PHE A 220 14.97 15.32 -3.86
CA PHE A 220 14.24 16.46 -3.32
C PHE A 220 12.81 16.63 -3.88
N ASP A 221 11.92 15.70 -3.53
CA ASP A 221 10.52 15.74 -3.97
C ASP A 221 9.65 16.23 -2.81
N VAL A 222 9.07 17.42 -2.93
CA VAL A 222 8.22 17.92 -1.86
C VAL A 222 7.00 17.03 -1.66
N LEU A 223 6.77 16.63 -0.41
CA LEU A 223 5.66 15.75 -0.07
C LEU A 223 4.30 16.45 -0.09
N PRO A 224 3.22 15.68 -0.30
CA PRO A 224 1.88 16.26 -0.32
C PRO A 224 1.40 16.50 1.09
N LEU A 225 0.44 17.40 1.23
CA LEU A 225 -0.15 17.71 2.51
C LEU A 225 -1.21 16.63 2.73
N VAL A 226 -1.25 16.04 3.92
CA VAL A 226 -2.23 15.01 4.22
C VAL A 226 -3.08 15.60 5.33
N LEU A 227 -4.23 16.14 4.98
CA LEU A 227 -5.09 16.76 5.96
C LEU A 227 -6.25 15.91 6.46
N GLN A 228 -6.57 16.12 7.74
CA GLN A 228 -7.62 15.39 8.44
C GLN A 228 -8.49 16.40 9.14
N ALA A 229 -9.70 16.61 8.62
CA ALA A 229 -10.61 17.59 9.22
C ALA A 229 -11.78 16.96 9.97
N ASP A 230 -12.12 17.56 11.10
CA ASP A 230 -13.23 17.08 11.92
C ASP A 230 -13.28 15.56 12.05
N GLY A 231 -12.20 14.96 12.53
CA GLY A 231 -12.17 13.52 12.72
C GLY A 231 -12.30 12.68 11.46
N GLN A 232 -12.54 13.32 10.33
CA GLN A 232 -12.68 12.58 9.07
C GLN A 232 -11.35 11.96 8.61
N ASP A 233 -11.44 11.02 7.68
CA ASP A 233 -10.24 10.41 7.15
C ASP A 233 -9.42 11.53 6.52
N PRO A 234 -8.16 11.24 6.17
CA PRO A 234 -7.31 12.26 5.57
C PRO A 234 -7.41 12.29 4.05
N GLU A 235 -7.20 13.48 3.49
CA GLU A 235 -7.23 13.65 2.05
C GLU A 235 -5.88 14.26 1.67
N VAL A 236 -5.34 13.84 0.54
CA VAL A 236 -4.05 14.30 0.09
C VAL A 236 -4.11 15.49 -0.89
N PHE A 237 -3.34 16.55 -0.59
CA PHE A 237 -3.29 17.73 -1.45
C PHE A 237 -1.86 18.06 -1.85
N GLU A 238 -1.63 18.25 -3.14
CA GLU A 238 -0.31 18.60 -3.65
C GLU A 238 -0.16 20.07 -3.28
N ILE A 239 1.04 20.49 -2.92
CA ILE A 239 1.25 21.89 -2.58
C ILE A 239 1.69 22.63 -3.84
N PRO A 240 1.03 23.74 -4.15
CA PRO A 240 1.36 24.55 -5.32
C PRO A 240 2.86 24.89 -5.32
N PRO A 241 3.60 24.38 -6.32
CA PRO A 241 5.05 24.58 -6.50
C PRO A 241 5.50 26.03 -6.41
N ASP A 242 4.64 26.94 -6.88
CA ASP A 242 4.95 28.36 -6.86
C ASP A 242 5.10 28.80 -5.40
N LEU A 243 4.33 28.16 -4.53
CA LEU A 243 4.34 28.49 -3.10
C LEU A 243 5.56 27.98 -2.33
N VAL A 244 6.26 26.98 -2.88
CA VAL A 244 7.43 26.42 -2.19
C VAL A 244 8.76 26.98 -2.68
N LEU A 245 9.31 27.93 -1.91
CA LEU A 245 10.57 28.60 -2.21
C LEU A 245 11.73 27.71 -1.75
N GLU A 246 12.73 27.57 -2.61
CA GLU A 246 13.87 26.72 -2.29
C GLU A 246 15.18 27.41 -2.59
N VAL A 247 16.21 27.05 -1.85
CA VAL A 247 17.53 27.64 -2.04
C VAL A 247 18.49 26.58 -2.58
N THR A 248 19.12 26.85 -3.73
CA THR A 248 20.05 25.88 -4.28
C THR A 248 21.40 26.13 -3.62
N MET A 249 21.99 25.08 -3.08
CA MET A 249 23.25 25.23 -2.39
C MET A 249 24.45 25.43 -3.28
N GLU A 250 25.33 26.34 -2.87
CA GLU A 250 26.56 26.60 -3.60
C GLU A 250 27.56 27.29 -2.68
N HIS A 251 28.81 26.84 -2.75
CA HIS A 251 29.90 27.37 -1.93
C HIS A 251 30.62 28.52 -2.62
N PRO A 252 30.94 29.59 -1.88
CA PRO A 252 31.63 30.79 -2.38
C PRO A 252 33.09 30.63 -2.77
N LYS A 253 33.59 29.39 -2.82
CA LYS A 253 34.98 29.13 -3.20
C LYS A 253 35.08 27.83 -3.96
N TYR A 254 34.59 26.76 -3.35
CA TYR A 254 34.62 25.45 -3.96
C TYR A 254 33.47 25.37 -4.97
N GLU A 255 33.72 25.84 -6.19
CA GLU A 255 32.69 25.86 -7.22
C GLU A 255 32.20 24.46 -7.58
N TRP A 256 32.82 23.44 -7.01
CA TRP A 256 32.39 22.08 -7.28
C TRP A 256 31.20 21.74 -6.37
N PHE A 257 30.89 22.65 -5.45
CA PHE A 257 29.78 22.44 -4.52
C PHE A 257 28.44 22.33 -5.24
N GLN A 258 28.24 23.18 -6.25
CA GLN A 258 27.00 23.16 -7.03
C GLN A 258 26.83 21.78 -7.65
N GLU A 259 27.94 21.14 -7.97
CA GLU A 259 27.93 19.82 -8.60
C GLU A 259 27.37 18.72 -7.72
N LEU A 260 27.00 19.07 -6.49
CA LEU A 260 26.45 18.10 -5.55
C LEU A 260 24.92 18.07 -5.71
N GLY A 261 24.41 19.09 -6.39
CA GLY A 261 22.98 19.20 -6.65
C GLY A 261 22.10 19.36 -5.44
N LEU A 262 22.57 20.15 -4.47
CA LEU A 262 21.84 20.35 -3.22
C LEU A 262 21.00 21.61 -3.13
N LYS A 263 19.89 21.48 -2.42
CA LYS A 263 18.97 22.57 -2.20
C LYS A 263 18.15 22.19 -0.97
N TRP A 264 17.41 23.16 -0.44
CA TRP A 264 16.57 22.89 0.72
C TRP A 264 15.46 23.92 0.76
N TYR A 265 14.29 23.56 1.30
CA TYR A 265 13.20 24.51 1.39
C TYR A 265 13.58 25.63 2.36
N ALA A 266 13.02 26.80 2.15
CA ALA A 266 13.34 27.95 2.98
C ALA A 266 12.44 28.12 4.19
N LEU A 267 11.34 27.37 4.21
CA LEU A 267 10.36 27.50 5.29
C LEU A 267 10.33 26.35 6.30
N PRO A 268 10.75 26.62 7.53
CA PRO A 268 10.73 25.55 8.54
C PRO A 268 9.39 25.74 9.26
N ALA A 269 8.43 24.87 8.96
CA ALA A 269 7.11 24.92 9.56
C ALA A 269 6.77 23.61 10.25
N VAL A 270 6.54 23.69 11.55
CA VAL A 270 6.18 22.49 12.31
C VAL A 270 4.70 22.27 12.10
N ALA A 271 4.30 21.06 11.72
CA ALA A 271 2.90 20.79 11.44
C ALA A 271 2.14 19.91 12.38
N ASN A 272 2.83 19.07 13.14
CA ASN A 272 2.16 18.12 14.00
C ASN A 272 2.13 18.30 15.51
N MET A 273 2.37 19.52 15.98
CA MET A 273 2.33 19.75 17.41
C MET A 273 0.94 20.20 17.90
N LEU A 274 0.69 20.01 19.19
CA LEU A 274 -0.58 20.40 19.80
C LEU A 274 -0.40 21.59 20.75
N LEU A 275 -1.27 22.59 20.61
CA LEU A 275 -1.26 23.78 21.45
C LEU A 275 -2.25 23.61 22.59
N GLU A 276 -1.77 23.80 23.81
CA GLU A 276 -2.61 23.68 24.98
C GLU A 276 -2.70 25.04 25.67
N VAL A 277 -3.93 25.46 25.97
CA VAL A 277 -4.13 26.74 26.65
C VAL A 277 -5.46 26.74 27.38
N GLY A 278 -5.44 27.13 28.66
CA GLY A 278 -6.66 27.17 29.45
C GLY A 278 -7.52 25.92 29.44
N GLY A 279 -6.89 24.76 29.42
CA GLY A 279 -7.66 23.53 29.42
C GLY A 279 -8.09 23.16 28.03
N LEU A 280 -7.84 24.05 27.07
CA LEU A 280 -8.20 23.78 25.69
C LEU A 280 -7.02 23.18 24.97
N GLU A 281 -7.32 22.38 23.96
CA GLU A 281 -6.29 21.72 23.17
C GLU A 281 -6.50 21.95 21.67
N PHE A 282 -5.44 22.32 20.96
CA PHE A 282 -5.53 22.53 19.51
C PHE A 282 -4.60 21.56 18.80
N PRO A 283 -5.12 20.35 18.45
CA PRO A 283 -4.31 19.34 17.76
C PRO A 283 -3.81 19.70 16.36
N ALA A 284 -4.25 20.85 15.85
CA ALA A 284 -3.80 21.29 14.53
C ALA A 284 -3.58 22.80 14.59
N CYS A 285 -2.30 23.19 14.65
CA CYS A 285 -1.87 24.59 14.71
C CYS A 285 -0.47 24.74 14.09
N PRO A 286 -0.36 24.56 12.76
CA PRO A 286 0.95 24.69 12.15
C PRO A 286 1.54 26.09 12.33
N PHE A 287 2.80 26.12 12.73
CA PHE A 287 3.51 27.38 12.94
C PHE A 287 4.86 27.37 12.22
N ASN A 288 5.49 28.53 12.10
CA ASN A 288 6.79 28.62 11.43
C ASN A 288 7.62 29.81 11.89
N GLY A 289 8.92 29.70 11.66
CA GLY A 289 9.84 30.77 11.99
C GLY A 289 10.81 30.74 10.83
N TRP A 290 12.07 31.10 11.05
CA TRP A 290 13.06 31.05 9.98
C TRP A 290 14.17 30.13 10.44
N TYR A 291 14.89 29.56 9.47
CA TYR A 291 15.97 28.63 9.74
C TYR A 291 17.19 29.19 10.43
N MET A 292 17.89 28.29 11.12
CA MET A 292 19.15 28.58 11.78
C MET A 292 20.09 27.65 11.02
N GLY A 293 21.07 28.23 10.33
CA GLY A 293 22.00 27.43 9.54
C GLY A 293 22.19 25.96 9.84
N THR A 294 22.70 25.65 11.04
CA THR A 294 22.98 24.27 11.45
C THR A 294 21.87 23.24 11.22
N GLU A 295 20.61 23.67 11.24
CA GLU A 295 19.49 22.76 11.03
C GLU A 295 19.64 22.07 9.68
N ILE A 296 20.03 22.87 8.69
CA ILE A 296 20.19 22.36 7.34
C ILE A 296 21.62 21.90 7.11
N GLY A 297 22.55 22.81 7.33
CA GLY A 297 23.94 22.48 7.11
C GLY A 297 24.41 21.27 7.87
N VAL A 298 24.18 21.27 9.18
CA VAL A 298 24.63 20.18 10.05
C VAL A 298 23.70 18.99 10.12
N ARG A 299 22.50 19.17 10.63
CA ARG A 299 21.58 18.04 10.76
C ARG A 299 21.01 17.45 9.47
N ASP A 300 20.30 18.24 8.69
CA ASP A 300 19.69 17.72 7.46
C ASP A 300 20.65 17.14 6.43
N PHE A 301 21.76 17.82 6.18
CA PHE A 301 22.73 17.35 5.19
C PHE A 301 23.74 16.33 5.73
N CYS A 302 24.21 16.51 6.96
CA CYS A 302 25.22 15.61 7.51
C CYS A 302 24.76 14.48 8.43
N ASP A 303 23.55 14.53 8.95
CA ASP A 303 23.07 13.45 9.79
C ASP A 303 23.20 12.17 8.98
N THR A 304 23.88 11.18 9.53
CA THR A 304 24.06 9.91 8.85
C THR A 304 22.69 9.36 8.44
N GLN A 305 21.67 9.67 9.23
CA GLN A 305 20.29 9.20 8.99
C GLN A 305 19.44 10.13 8.11
N ARG A 306 20.04 11.18 7.56
CA ARG A 306 19.32 12.10 6.69
C ARG A 306 19.96 12.00 5.31
N TYR A 307 20.52 13.10 4.81
CA TYR A 307 21.15 13.09 3.50
C TYR A 307 22.58 12.64 3.53
N ASN A 308 23.13 12.53 4.74
CA ASN A 308 24.50 12.08 4.95
C ASN A 308 25.49 12.44 3.84
N ILE A 309 25.73 13.73 3.64
CA ILE A 309 26.64 14.19 2.59
C ILE A 309 28.05 14.51 3.07
N LEU A 310 28.40 14.08 4.29
CA LEU A 310 29.71 14.41 4.87
C LEU A 310 30.97 13.78 4.28
N GLU A 311 30.93 12.52 3.83
CA GLU A 311 32.14 11.96 3.25
C GLU A 311 32.39 12.49 1.84
N GLU A 312 31.31 12.67 1.08
CA GLU A 312 31.40 13.19 -0.27
C GLU A 312 32.08 14.57 -0.24
N VAL A 313 31.52 15.50 0.54
CA VAL A 313 32.11 16.83 0.64
C VAL A 313 33.54 16.71 1.18
N GLY A 314 33.79 15.64 1.92
CA GLY A 314 35.12 15.43 2.47
C GLY A 314 36.11 15.12 1.36
N ARG A 315 35.77 14.12 0.54
CA ARG A 315 36.60 13.72 -0.58
C ARG A 315 36.75 14.89 -1.54
N ARG A 316 35.64 15.56 -1.86
CA ARG A 316 35.69 16.69 -2.77
C ARG A 316 36.59 17.79 -2.25
N MET A 317 37.07 17.64 -1.03
CA MET A 317 37.98 18.63 -0.44
C MET A 317 39.36 18.01 -0.35
N GLY A 318 39.44 16.75 -0.75
CA GLY A 318 40.69 16.01 -0.73
C GLY A 318 41.23 15.88 0.68
N LEU A 319 40.38 15.45 1.60
CA LEU A 319 40.76 15.29 3.00
C LEU A 319 41.02 13.81 3.29
N GLU A 320 41.75 13.54 4.38
CA GLU A 320 42.09 12.19 4.78
C GLU A 320 40.86 11.47 5.33
N THR A 321 39.89 11.35 4.44
CA THR A 321 38.61 10.71 4.68
C THR A 321 38.68 9.36 5.39
N HIS A 322 39.87 8.77 5.45
CA HIS A 322 40.03 7.48 6.12
C HIS A 322 40.87 7.53 7.41
N THR A 323 41.31 8.72 7.77
CA THR A 323 42.07 8.92 9.00
C THR A 323 41.17 9.81 9.87
N LEU A 324 40.32 9.18 10.67
CA LEU A 324 39.39 9.88 11.54
C LEU A 324 40.02 11.01 12.37
N ALA A 325 41.20 10.76 12.92
CA ALA A 325 41.87 11.76 13.73
C ALA A 325 42.40 12.98 12.96
N SER A 326 42.18 13.00 11.64
CA SER A 326 42.62 14.12 10.80
C SER A 326 41.66 15.30 10.98
N LEU A 327 40.54 15.01 11.64
CA LEU A 327 39.48 15.98 11.92
C LEU A 327 38.84 16.51 10.63
N TRP A 328 38.84 15.67 9.59
CA TRP A 328 38.27 16.06 8.31
C TRP A 328 36.79 16.34 8.43
N LYS A 329 36.13 15.62 9.33
CA LYS A 329 34.71 15.83 9.53
C LYS A 329 34.48 17.26 10.00
N ASP A 330 35.40 17.75 10.84
CA ASP A 330 35.31 19.11 11.38
C ASP A 330 35.47 20.15 10.28
N ARG A 331 36.33 19.86 9.31
CA ARG A 331 36.58 20.78 8.19
C ARG A 331 35.40 20.79 7.24
N ALA A 332 34.95 19.60 6.87
CA ALA A 332 33.83 19.44 5.96
C ALA A 332 32.57 20.14 6.45
N VAL A 333 32.00 19.63 7.53
CA VAL A 333 30.78 20.20 8.09
C VAL A 333 30.79 21.73 8.14
N THR A 334 31.94 22.32 8.44
CA THR A 334 32.01 23.78 8.49
C THR A 334 31.80 24.42 7.12
N GLU A 335 32.40 23.84 6.09
CA GLU A 335 32.24 24.36 4.75
C GLU A 335 30.77 24.21 4.29
N ILE A 336 30.15 23.10 4.67
CA ILE A 336 28.76 22.85 4.32
C ILE A 336 27.87 23.90 5.01
N ASN A 337 28.32 24.38 6.16
CA ASN A 337 27.58 25.39 6.91
C ASN A 337 27.74 26.76 6.26
N VAL A 338 28.89 26.98 5.62
CA VAL A 338 29.18 28.24 4.94
C VAL A 338 28.37 28.30 3.63
N ALA A 339 28.21 27.14 3.00
CA ALA A 339 27.47 27.04 1.75
C ALA A 339 26.01 27.38 2.00
N VAL A 340 25.46 26.83 3.09
CA VAL A 340 24.07 27.05 3.47
C VAL A 340 23.80 28.53 3.74
N LEU A 341 24.59 29.12 4.63
CA LEU A 341 24.44 30.54 4.97
C LEU A 341 24.67 31.40 3.73
N HIS A 342 25.79 31.18 3.05
CA HIS A 342 26.11 31.93 1.84
C HIS A 342 25.00 31.84 0.79
N SER A 343 24.57 30.62 0.47
CA SER A 343 23.51 30.36 -0.50
C SER A 343 22.15 31.00 -0.13
N PHE A 344 21.87 31.12 1.18
CA PHE A 344 20.62 31.73 1.61
C PHE A 344 20.70 33.25 1.44
N GLN A 345 21.82 33.82 1.85
CA GLN A 345 22.03 35.27 1.74
C GLN A 345 22.00 35.67 0.27
N LYS A 346 22.78 34.94 -0.54
CA LYS A 346 22.87 35.18 -1.99
C LYS A 346 21.48 35.34 -2.59
N GLN A 347 20.57 34.44 -2.22
CA GLN A 347 19.21 34.46 -2.73
C GLN A 347 18.21 35.24 -1.90
N ASN A 348 18.72 35.98 -0.91
CA ASN A 348 17.88 36.81 -0.04
C ASN A 348 16.82 36.13 0.80
N VAL A 349 17.14 34.94 1.31
CA VAL A 349 16.22 34.20 2.16
C VAL A 349 16.73 34.32 3.59
N THR A 350 15.87 34.84 4.47
CA THR A 350 16.18 35.02 5.87
C THR A 350 16.74 33.74 6.48
N ILE A 351 17.82 33.87 7.23
CA ILE A 351 18.44 32.73 7.91
C ILE A 351 19.36 33.29 8.97
N MET A 352 19.70 32.51 9.99
CA MET A 352 20.61 33.02 10.99
C MET A 352 21.59 31.95 11.42
N ASP A 353 22.87 32.33 11.49
CA ASP A 353 23.92 31.39 11.88
C ASP A 353 23.73 31.05 13.35
N HIS A 354 24.33 29.93 13.79
CA HIS A 354 24.18 29.49 15.17
C HIS A 354 24.80 30.35 16.25
N HIS A 355 25.92 31.00 15.93
CA HIS A 355 26.60 31.86 16.89
C HIS A 355 25.72 33.04 17.25
N THR A 356 25.11 33.62 16.22
CA THR A 356 24.24 34.76 16.42
C THR A 356 22.97 34.33 17.15
N ALA A 357 22.43 33.18 16.78
CA ALA A 357 21.22 32.67 17.45
C ALA A 357 21.49 32.52 18.93
N SER A 358 22.59 31.84 19.25
CA SER A 358 23.00 31.61 20.64
C SER A 358 23.11 32.90 21.42
N GLU A 359 23.70 33.92 20.81
CA GLU A 359 23.86 35.19 21.50
C GLU A 359 22.52 35.81 21.87
N SER A 360 21.61 35.86 20.91
CA SER A 360 20.28 36.43 21.15
C SER A 360 19.50 35.66 22.22
N PHE A 361 19.63 34.34 22.23
CA PHE A 361 18.91 33.55 23.23
C PHE A 361 19.36 33.92 24.64
N MET A 362 20.66 34.17 24.80
CA MET A 362 21.21 34.57 26.08
C MET A 362 20.55 35.90 26.47
N LYS A 363 20.44 36.80 25.49
CA LYS A 363 19.84 38.11 25.72
C LYS A 363 18.40 37.93 26.16
N HIS A 364 17.69 37.04 25.48
CA HIS A 364 16.31 36.73 25.77
C HIS A 364 16.20 36.15 27.17
N MET A 365 17.06 35.19 27.46
CA MET A 365 17.06 34.53 28.76
C MET A 365 17.21 35.54 29.89
N GLN A 366 18.04 36.55 29.65
CA GLN A 366 18.25 37.59 30.65
C GLN A 366 16.97 38.39 30.80
N ASN A 367 16.32 38.71 29.68
CA ASN A 367 15.09 39.47 29.73
C ASN A 367 14.04 38.67 30.47
N GLU A 368 13.96 37.38 30.16
CA GLU A 368 12.98 36.49 30.78
C GLU A 368 13.15 36.39 32.30
N TYR A 369 14.39 36.41 32.76
CA TYR A 369 14.64 36.33 34.20
C TYR A 369 14.32 37.66 34.90
N ARG A 370 14.59 38.77 34.21
CA ARG A 370 14.28 40.09 34.75
C ARG A 370 12.77 40.30 34.67
N ALA A 371 12.16 39.77 33.62
CA ALA A 371 10.74 39.92 33.39
C ALA A 371 9.88 39.04 34.28
N ARG A 372 10.21 37.76 34.35
CA ARG A 372 9.42 36.88 35.17
C ARG A 372 10.19 35.86 36.01
N GLY A 373 11.48 36.09 36.20
CA GLY A 373 12.27 35.18 37.02
C GLY A 373 12.30 33.74 36.56
N GLY A 374 12.69 33.54 35.31
CA GLY A 374 12.78 32.19 34.79
C GLY A 374 12.62 32.12 33.28
N CYS A 375 12.98 30.96 32.74
CA CYS A 375 12.89 30.70 31.32
C CYS A 375 13.05 29.19 31.16
N PRO A 376 11.94 28.47 30.89
CA PRO A 376 12.07 27.02 30.73
C PRO A 376 13.02 26.76 29.57
N ALA A 377 14.14 26.09 29.85
CA ALA A 377 15.13 25.83 28.82
C ALA A 377 15.76 24.46 28.86
N ASP A 378 15.75 23.79 27.71
CA ASP A 378 16.32 22.46 27.58
C ASP A 378 17.71 22.69 26.99
N TRP A 379 18.75 22.49 27.79
CA TRP A 379 20.13 22.68 27.35
C TRP A 379 20.50 21.78 26.17
N ILE A 380 20.11 20.51 26.25
CA ILE A 380 20.39 19.50 25.22
C ILE A 380 19.95 19.86 23.81
N TRP A 381 18.88 20.65 23.70
CA TRP A 381 18.34 21.07 22.41
C TRP A 381 18.82 22.46 21.99
N LEU A 382 18.98 23.35 22.97
CA LEU A 382 19.42 24.72 22.75
C LEU A 382 20.87 24.86 22.33
N VAL A 383 21.73 23.93 22.72
CA VAL A 383 23.13 24.01 22.30
C VAL A 383 23.27 23.49 20.86
N PRO A 384 23.76 24.33 19.94
CA PRO A 384 23.96 24.00 18.52
C PRO A 384 24.67 22.66 18.27
N PRO A 385 24.32 21.96 17.18
CA PRO A 385 24.95 20.67 16.87
C PRO A 385 26.43 20.72 16.54
N VAL A 386 27.00 21.93 16.50
CA VAL A 386 28.43 22.11 16.27
C VAL A 386 28.89 23.37 17.00
N SER A 387 30.17 23.39 17.37
CA SER A 387 30.75 24.55 18.08
C SER A 387 30.16 24.76 19.47
N GLY A 388 29.72 23.66 20.09
CA GLY A 388 29.11 23.71 21.40
C GLY A 388 29.68 24.71 22.39
N SER A 389 30.86 24.43 22.93
CA SER A 389 31.47 25.32 23.92
C SER A 389 31.87 26.68 23.34
N ILE A 390 31.91 26.78 22.01
CA ILE A 390 32.28 28.04 21.39
C ILE A 390 31.13 29.04 21.43
N THR A 391 29.93 28.55 21.75
CA THR A 391 28.74 29.40 21.86
C THR A 391 28.49 29.59 23.36
N PRO A 392 27.95 30.74 23.76
CA PRO A 392 27.68 31.01 25.17
C PRO A 392 26.63 30.18 25.92
N VAL A 393 25.67 29.60 25.20
CA VAL A 393 24.62 28.83 25.87
C VAL A 393 25.15 27.55 26.47
N PHE A 394 26.25 27.06 25.91
CA PHE A 394 26.88 25.84 26.41
C PHE A 394 27.31 26.01 27.86
N HIS A 395 27.73 27.22 28.20
CA HIS A 395 28.22 27.55 29.54
C HIS A 395 27.17 28.04 30.51
N GLN A 396 25.92 28.10 30.06
CA GLN A 396 24.84 28.57 30.91
C GLN A 396 24.03 27.41 31.53
N GLU A 397 23.85 27.43 32.84
CA GLU A 397 23.06 26.38 33.48
C GLU A 397 21.61 26.77 33.26
N MET A 398 20.73 25.77 33.13
CA MET A 398 19.32 26.02 32.89
C MET A 398 18.36 24.94 33.40
N LEU A 399 17.14 25.37 33.72
CA LEU A 399 16.07 24.48 34.21
C LEU A 399 15.00 24.27 33.13
N ASN A 400 14.64 23.02 32.91
CA ASN A 400 13.65 22.68 31.91
C ASN A 400 12.35 22.18 32.57
N TYR A 401 11.28 22.95 32.39
CA TYR A 401 9.98 22.60 32.95
C TYR A 401 8.84 22.99 32.04
N VAL A 402 7.77 22.20 32.07
CA VAL A 402 6.58 22.43 31.25
C VAL A 402 5.54 23.33 31.88
N LEU A 403 5.40 24.54 31.35
CA LEU A 403 4.43 25.51 31.84
C LEU A 403 3.16 25.46 30.95
N SER A 404 2.34 26.51 31.02
CA SER A 404 1.15 26.57 30.18
C SER A 404 0.82 28.04 29.92
N PRO A 405 0.46 28.39 28.66
CA PRO A 405 0.34 27.56 27.44
C PRO A 405 1.62 26.80 27.04
N PHE A 406 1.46 25.76 26.21
CA PHE A 406 2.58 24.95 25.80
C PHE A 406 2.30 24.26 24.46
N TYR A 407 3.35 23.85 23.76
CA TYR A 407 3.21 23.12 22.48
C TYR A 407 3.69 21.71 22.78
N TYR A 408 2.75 20.76 22.79
CA TYR A 408 3.04 19.36 23.06
C TYR A 408 3.23 18.58 21.79
N TYR A 409 3.79 17.38 21.92
CA TYR A 409 3.94 16.50 20.78
C TYR A 409 2.62 15.72 20.78
N GLN A 410 2.42 14.87 19.80
CA GLN A 410 1.20 14.09 19.74
C GLN A 410 1.57 12.75 19.17
N ILE A 411 0.68 11.78 19.32
CA ILE A 411 0.94 10.46 18.79
C ILE A 411 0.64 10.50 17.29
N GLU A 412 1.45 9.81 16.50
CA GLU A 412 1.30 9.78 15.05
C GLU A 412 -0.13 9.36 14.69
N PRO A 413 -0.88 10.26 14.03
CA PRO A 413 -2.27 10.05 13.61
C PRO A 413 -2.60 8.74 12.91
N TRP A 414 -1.66 8.17 12.16
CA TRP A 414 -1.97 6.93 11.47
C TRP A 414 -1.96 5.74 12.42
N LYS A 415 -1.49 5.95 13.64
CA LYS A 415 -1.49 4.87 14.62
C LYS A 415 -2.85 4.88 15.34
N THR A 416 -3.25 6.07 15.80
CA THR A 416 -4.51 6.24 16.52
C THR A 416 -5.65 6.79 15.64
N HIS A 417 -5.95 6.10 14.54
CA HIS A 417 -7.01 6.56 13.64
C HIS A 417 -7.90 5.42 13.15
N ILE A 418 -9.20 5.58 13.37
CA ILE A 418 -10.19 4.61 12.94
C ILE A 418 -10.61 5.02 11.54
N TRP A 419 -10.23 4.24 10.54
CA TRP A 419 -10.60 4.56 9.17
C TRP A 419 -12.07 4.34 8.88
N GLN B 1 -37.12 -32.44 -28.00
CA GLN B 1 -36.55 -33.41 -28.98
C GLN B 1 -35.01 -33.44 -28.89
N TYR B 2 -34.35 -32.64 -29.72
CA TYR B 2 -32.89 -32.55 -29.74
C TYR B 2 -32.44 -31.49 -30.74
N VAL B 3 -31.25 -30.95 -30.54
CA VAL B 3 -30.71 -29.93 -31.43
C VAL B 3 -29.79 -30.57 -32.46
N ARG B 4 -29.87 -30.09 -33.69
CA ARG B 4 -29.05 -30.62 -34.77
C ARG B 4 -27.74 -29.80 -34.86
N ILE B 5 -26.62 -30.50 -34.94
CA ILE B 5 -25.30 -29.87 -35.00
C ILE B 5 -24.55 -30.38 -36.22
N LYS B 6 -24.05 -29.48 -37.06
CA LYS B 6 -23.33 -29.87 -38.26
C LYS B 6 -21.88 -29.43 -38.37
N ASN B 7 -21.05 -30.28 -38.98
CA ASN B 7 -19.64 -30.00 -39.19
C ASN B 7 -19.49 -29.74 -40.69
N TRP B 8 -19.34 -28.46 -41.05
CA TRP B 8 -19.22 -28.05 -42.44
C TRP B 8 -18.00 -28.55 -43.16
N GLY B 9 -17.06 -29.13 -42.43
CA GLY B 9 -15.88 -29.65 -43.08
C GLY B 9 -16.12 -31.05 -43.59
N SER B 10 -16.76 -31.87 -42.74
CA SER B 10 -17.06 -33.26 -43.08
C SER B 10 -18.52 -33.45 -43.42
N GLY B 11 -19.29 -32.36 -43.37
CA GLY B 11 -20.71 -32.43 -43.66
C GLY B 11 -21.44 -33.44 -42.81
N GLU B 12 -20.94 -33.66 -41.59
CA GLU B 12 -21.56 -34.62 -40.71
C GLU B 12 -22.51 -33.94 -39.74
N ILE B 13 -23.55 -34.65 -39.29
CA ILE B 13 -24.52 -34.10 -38.35
C ILE B 13 -24.57 -34.89 -37.06
N LEU B 14 -24.91 -34.21 -35.96
CA LEU B 14 -24.98 -34.85 -34.65
C LEU B 14 -26.21 -34.30 -33.95
N HIS B 15 -26.79 -35.08 -33.05
CA HIS B 15 -27.98 -34.65 -32.32
C HIS B 15 -27.69 -34.45 -30.84
N ASP B 16 -27.74 -33.20 -30.38
CA ASP B 16 -27.48 -32.91 -28.98
C ASP B 16 -28.71 -32.97 -28.10
N THR B 17 -28.70 -33.90 -27.15
CA THR B 17 -29.80 -34.10 -26.23
C THR B 17 -29.37 -33.60 -24.84
N LEU B 18 -28.11 -33.88 -24.51
CA LEU B 18 -27.51 -33.52 -23.23
C LEU B 18 -27.83 -32.11 -22.75
N HIS B 19 -27.98 -31.17 -23.67
CA HIS B 19 -28.27 -29.80 -23.25
C HIS B 19 -29.53 -29.78 -22.42
N HIS B 20 -30.38 -30.79 -22.62
CA HIS B 20 -31.62 -30.89 -21.87
C HIS B 20 -31.35 -30.89 -20.38
N LYS B 21 -30.16 -31.36 -20.00
CA LYS B 21 -29.76 -31.43 -18.61
C LYS B 21 -29.06 -30.16 -18.13
N ALA B 22 -29.15 -29.12 -18.93
CA ALA B 22 -28.54 -27.83 -18.59
C ALA B 22 -29.19 -27.26 -17.33
N THR B 23 -28.35 -26.86 -16.37
CA THR B 23 -28.85 -26.32 -15.11
C THR B 23 -29.84 -25.17 -15.30
N SER B 24 -29.47 -23.99 -14.81
CA SER B 24 -30.30 -22.79 -14.89
C SER B 24 -30.27 -22.10 -16.26
N ASP B 25 -30.17 -20.78 -16.22
CA ASP B 25 -30.13 -19.99 -17.44
C ASP B 25 -28.71 -19.49 -17.70
N PHE B 26 -28.37 -19.41 -18.99
CA PHE B 26 -27.07 -18.93 -19.43
C PHE B 26 -27.18 -17.38 -19.44
N THR B 27 -26.21 -16.70 -20.04
CA THR B 27 -26.24 -15.24 -20.09
C THR B 27 -26.82 -14.72 -21.42
N CYS B 28 -27.56 -15.58 -22.12
CA CYS B 28 -28.19 -15.21 -23.39
C CYS B 28 -29.71 -15.12 -23.27
N LYS B 29 -30.23 -13.99 -23.76
CA LYS B 29 -31.67 -13.72 -23.73
C LYS B 29 -32.36 -14.51 -24.87
N SER B 30 -33.64 -14.20 -25.08
CA SER B 30 -34.43 -14.83 -26.12
C SER B 30 -34.21 -14.06 -27.41
N LYS B 31 -33.82 -12.80 -27.25
CA LYS B 31 -33.56 -11.88 -28.37
C LYS B 31 -32.07 -11.56 -28.59
N SER B 32 -31.33 -11.41 -27.51
CA SER B 32 -29.89 -11.10 -27.59
C SER B 32 -29.03 -12.37 -27.53
N CYS B 33 -27.72 -12.16 -27.68
CA CYS B 33 -26.72 -13.22 -27.67
C CYS B 33 -25.41 -12.60 -27.18
N LEU B 34 -25.10 -12.81 -25.91
CA LEU B 34 -23.88 -12.29 -25.32
C LEU B 34 -22.93 -13.45 -24.99
N GLY B 35 -22.76 -14.32 -26.00
CA GLY B 35 -21.90 -15.48 -25.88
C GLY B 35 -20.44 -15.10 -26.05
N SER B 36 -20.16 -13.82 -26.36
CA SER B 36 -18.78 -13.37 -26.52
C SER B 36 -18.31 -12.55 -25.32
N ILE B 37 -19.00 -12.71 -24.20
CA ILE B 37 -18.62 -12.00 -22.97
C ILE B 37 -17.68 -12.93 -22.19
N MET B 38 -16.58 -12.38 -21.69
CA MET B 38 -15.59 -13.17 -20.95
C MET B 38 -16.10 -13.79 -19.65
N ASN B 39 -16.53 -12.95 -18.70
CA ASN B 39 -17.01 -13.45 -17.42
C ASN B 39 -18.47 -13.11 -17.19
N PRO B 40 -19.39 -13.82 -17.86
CA PRO B 40 -20.81 -13.53 -17.65
C PRO B 40 -21.27 -14.00 -16.25
N LYS B 41 -22.27 -13.34 -15.69
CA LYS B 41 -22.74 -13.74 -14.38
C LYS B 41 -23.14 -15.21 -14.41
N SER B 42 -23.64 -15.68 -15.55
CA SER B 42 -24.05 -17.07 -15.67
C SER B 42 -22.88 -18.03 -15.40
N LEU B 43 -21.68 -17.58 -15.66
CA LEU B 43 -20.48 -18.39 -15.46
C LEU B 43 -19.79 -18.18 -14.12
N THR B 44 -20.32 -17.31 -13.29
CA THR B 44 -19.73 -17.02 -11.99
C THR B 44 -20.58 -17.51 -10.81
N ARG B 45 -19.92 -18.05 -9.79
CA ARG B 45 -20.59 -18.53 -8.56
C ARG B 45 -19.99 -17.74 -7.41
N GLY B 46 -20.69 -16.68 -7.02
CA GLY B 46 -20.24 -15.78 -5.97
C GLY B 46 -20.34 -16.19 -4.50
N PRO B 47 -19.97 -15.26 -3.61
CA PRO B 47 -19.95 -15.40 -2.14
C PRO B 47 -21.30 -15.69 -1.49
N ARG B 48 -21.23 -16.42 -0.39
CA ARG B 48 -22.41 -16.75 0.40
C ARG B 48 -22.21 -15.95 1.67
N ASP B 49 -23.27 -15.84 2.45
CA ASP B 49 -23.25 -15.10 3.70
C ASP B 49 -23.67 -16.08 4.79
N LYS B 50 -24.41 -17.08 4.36
CA LYS B 50 -24.94 -18.12 5.23
C LYS B 50 -25.04 -19.45 4.44
N PRO B 51 -25.29 -20.57 5.13
CA PRO B 51 -25.40 -21.86 4.47
C PRO B 51 -26.41 -21.86 3.35
N THR B 52 -26.12 -22.62 2.30
CA THR B 52 -27.01 -22.68 1.16
C THR B 52 -28.28 -23.39 1.62
N PRO B 53 -29.45 -22.81 1.28
CA PRO B 53 -30.78 -23.33 1.62
C PRO B 53 -31.06 -24.78 1.20
N LEU B 54 -31.47 -25.57 2.18
CA LEU B 54 -31.79 -26.98 2.01
C LEU B 54 -32.71 -27.21 0.82
N GLU B 55 -33.71 -26.37 0.70
CA GLU B 55 -34.67 -26.46 -0.40
C GLU B 55 -33.98 -26.61 -1.75
N GLU B 56 -32.81 -25.98 -1.89
CA GLU B 56 -32.07 -26.07 -3.15
C GLU B 56 -30.94 -27.10 -3.13
N LEU B 57 -30.27 -27.25 -1.98
CA LEU B 57 -29.18 -28.20 -1.86
C LEU B 57 -29.60 -29.66 -2.11
N LEU B 58 -30.55 -30.13 -1.31
CA LEU B 58 -31.03 -31.50 -1.40
C LEU B 58 -31.33 -32.02 -2.81
N PRO B 59 -32.13 -31.28 -3.61
CA PRO B 59 -32.46 -31.74 -4.96
C PRO B 59 -31.20 -31.88 -5.83
N HIS B 60 -30.19 -31.04 -5.54
CA HIS B 60 -28.92 -31.06 -6.25
C HIS B 60 -28.11 -32.26 -5.77
N ALA B 61 -28.05 -32.45 -4.45
CA ALA B 61 -27.34 -33.58 -3.88
C ALA B 61 -27.87 -34.89 -4.45
N ILE B 62 -29.19 -35.01 -4.51
CA ILE B 62 -29.80 -36.23 -5.02
C ILE B 62 -29.39 -36.45 -6.49
N GLU B 63 -29.43 -35.37 -7.27
CA GLU B 63 -29.07 -35.42 -8.68
C GLU B 63 -27.67 -35.99 -8.88
N PHE B 64 -26.71 -35.48 -8.10
CA PHE B 64 -25.32 -35.93 -8.17
C PHE B 64 -25.19 -37.41 -7.82
N ILE B 65 -25.79 -37.82 -6.71
CA ILE B 65 -25.73 -39.20 -6.28
C ILE B 65 -26.26 -40.14 -7.39
N ASN B 66 -27.34 -39.72 -8.04
CA ASN B 66 -27.90 -40.52 -9.13
C ASN B 66 -26.92 -40.51 -10.29
N GLN B 67 -26.32 -39.37 -10.54
CA GLN B 67 -25.35 -39.22 -11.63
C GLN B 67 -24.19 -40.17 -11.38
N TYR B 68 -23.70 -40.15 -10.14
CA TYR B 68 -22.59 -40.98 -9.71
C TYR B 68 -22.80 -42.48 -9.95
N TYR B 69 -23.89 -43.01 -9.40
CA TYR B 69 -24.20 -44.43 -9.55
C TYR B 69 -24.60 -44.84 -10.97
N GLY B 70 -25.03 -43.87 -11.77
CA GLY B 70 -25.42 -44.19 -13.14
C GLY B 70 -24.22 -44.46 -14.02
N SER B 71 -23.06 -44.00 -13.58
CA SER B 71 -21.83 -44.15 -14.33
C SER B 71 -21.23 -45.54 -14.28
N PHE B 72 -21.54 -46.30 -13.23
CA PHE B 72 -20.99 -47.65 -13.10
C PHE B 72 -21.38 -48.50 -14.29
N LYS B 73 -20.47 -49.38 -14.71
CA LYS B 73 -20.77 -50.24 -15.84
C LYS B 73 -21.85 -51.22 -15.39
N GLU B 74 -21.75 -51.66 -14.14
CA GLU B 74 -22.73 -52.58 -13.57
C GLU B 74 -23.34 -51.95 -12.32
N ALA B 75 -24.62 -51.64 -12.41
CA ALA B 75 -25.37 -50.99 -11.33
C ALA B 75 -25.29 -51.61 -9.95
N LYS B 76 -25.42 -50.75 -8.95
CA LYS B 76 -25.42 -51.14 -7.55
C LYS B 76 -26.60 -50.39 -6.91
N ILE B 77 -27.81 -50.80 -7.33
CA ILE B 77 -29.08 -50.21 -6.89
C ILE B 77 -29.16 -50.05 -5.40
N GLU B 78 -29.06 -51.17 -4.69
CA GLU B 78 -29.15 -51.20 -3.24
C GLU B 78 -28.18 -50.21 -2.59
N GLU B 79 -26.94 -50.21 -3.04
CA GLU B 79 -25.92 -49.33 -2.51
C GLU B 79 -26.24 -47.90 -2.92
N HIS B 80 -26.82 -47.79 -4.11
CA HIS B 80 -27.25 -46.53 -4.68
C HIS B 80 -28.34 -45.95 -3.77
N LEU B 81 -29.42 -46.72 -3.59
CA LEU B 81 -30.55 -46.33 -2.74
C LEU B 81 -30.08 -45.99 -1.31
N ALA B 82 -29.12 -46.76 -0.82
CA ALA B 82 -28.57 -46.56 0.50
C ALA B 82 -27.97 -45.16 0.63
N ARG B 83 -27.12 -44.80 -0.34
CA ARG B 83 -26.45 -43.50 -0.37
C ARG B 83 -27.46 -42.36 -0.46
N LEU B 84 -28.47 -42.53 -1.33
CA LEU B 84 -29.51 -41.52 -1.49
C LEU B 84 -30.16 -41.23 -0.15
N GLU B 85 -30.59 -42.28 0.53
CA GLU B 85 -31.22 -42.11 1.82
C GLU B 85 -30.24 -41.44 2.79
N ALA B 86 -29.00 -41.91 2.78
CA ALA B 86 -27.96 -41.38 3.64
C ALA B 86 -27.78 -39.88 3.46
N VAL B 87 -27.55 -39.47 2.21
CA VAL B 87 -27.35 -38.07 1.89
C VAL B 87 -28.56 -37.20 2.31
N THR B 88 -29.77 -37.70 2.05
CA THR B 88 -30.98 -36.97 2.40
C THR B 88 -31.00 -36.68 3.89
N LYS B 89 -30.97 -37.74 4.69
CA LYS B 89 -31.00 -37.59 6.12
C LYS B 89 -29.90 -36.69 6.65
N GLU B 90 -28.71 -36.77 6.03
CA GLU B 90 -27.59 -35.95 6.47
C GLU B 90 -27.87 -34.47 6.27
N ILE B 91 -28.32 -34.13 5.06
CA ILE B 91 -28.66 -32.77 4.71
C ILE B 91 -29.78 -32.24 5.59
N GLU B 92 -30.83 -33.04 5.79
CA GLU B 92 -31.96 -32.65 6.61
C GLU B 92 -31.59 -32.49 8.08
N THR B 93 -30.67 -33.31 8.56
CA THR B 93 -30.26 -33.22 9.96
C THR B 93 -29.07 -32.27 10.20
N THR B 94 -28.09 -32.25 9.30
CA THR B 94 -26.92 -31.39 9.46
C THR B 94 -26.92 -30.12 8.62
N GLY B 95 -27.77 -30.09 7.59
CA GLY B 95 -27.84 -28.94 6.72
C GLY B 95 -26.67 -28.89 5.76
N THR B 96 -26.33 -30.04 5.20
CA THR B 96 -25.22 -30.19 4.27
C THR B 96 -24.81 -31.64 4.36
N TYR B 97 -23.72 -31.99 3.69
CA TYR B 97 -23.23 -33.36 3.72
C TYR B 97 -21.83 -33.44 3.16
N GLN B 98 -21.19 -34.59 3.35
CA GLN B 98 -19.85 -34.80 2.85
C GLN B 98 -19.87 -35.86 1.74
N LEU B 99 -18.99 -35.69 0.76
CA LEU B 99 -18.88 -36.61 -0.36
C LEU B 99 -17.88 -37.68 -0.03
N THR B 100 -17.98 -38.84 -0.65
CA THR B 100 -17.01 -39.89 -0.42
C THR B 100 -15.87 -39.53 -1.36
N LEU B 101 -14.67 -40.05 -1.08
CA LEU B 101 -13.52 -39.75 -1.92
C LEU B 101 -13.80 -40.12 -3.38
N ASP B 102 -14.42 -41.28 -3.58
CA ASP B 102 -14.74 -41.74 -4.93
C ASP B 102 -15.71 -40.82 -5.66
N GLU B 103 -16.71 -40.34 -4.94
CA GLU B 103 -17.68 -39.43 -5.53
C GLU B 103 -16.98 -38.14 -5.93
N LEU B 104 -16.10 -37.65 -5.05
CA LEU B 104 -15.32 -36.42 -5.30
C LEU B 104 -14.47 -36.55 -6.55
N ILE B 105 -13.63 -37.58 -6.55
CA ILE B 105 -12.75 -37.88 -7.66
C ILE B 105 -13.52 -37.89 -8.99
N PHE B 106 -14.69 -38.50 -8.95
CA PHE B 106 -15.57 -38.61 -10.10
C PHE B 106 -16.04 -37.23 -10.53
N ALA B 107 -16.43 -36.43 -9.54
CA ALA B 107 -16.92 -35.09 -9.76
C ALA B 107 -15.89 -34.14 -10.36
N THR B 108 -14.64 -34.29 -9.97
CA THR B 108 -13.59 -33.42 -10.49
C THR B 108 -13.30 -33.69 -11.96
N LYS B 109 -13.48 -34.94 -12.38
CA LYS B 109 -13.28 -35.32 -13.77
C LYS B 109 -14.50 -34.91 -14.56
N MET B 110 -15.66 -35.02 -13.93
CA MET B 110 -16.90 -34.66 -14.58
C MET B 110 -16.94 -33.16 -14.83
N ALA B 111 -16.47 -32.39 -13.86
CA ALA B 111 -16.46 -30.94 -14.00
C ALA B 111 -15.51 -30.54 -15.12
N TRP B 112 -14.47 -31.34 -15.32
CA TRP B 112 -13.48 -31.09 -16.36
C TRP B 112 -14.14 -31.46 -17.69
N ARG B 113 -14.86 -32.58 -17.67
CA ARG B 113 -15.56 -33.07 -18.84
C ARG B 113 -16.63 -32.05 -19.27
N ASN B 114 -17.17 -31.32 -18.29
CA ASN B 114 -18.20 -30.31 -18.49
C ASN B 114 -17.71 -28.88 -18.60
N ALA B 115 -16.44 -28.70 -18.92
CA ALA B 115 -15.88 -27.35 -19.09
C ALA B 115 -15.94 -26.99 -20.58
N PRO B 116 -16.98 -26.26 -21.00
CA PRO B 116 -17.11 -25.88 -22.40
C PRO B 116 -15.97 -25.10 -23.04
N ARG B 117 -15.08 -24.54 -22.23
CA ARG B 117 -13.96 -23.74 -22.76
C ARG B 117 -12.60 -24.46 -22.83
N CYS B 118 -12.55 -25.73 -22.42
CA CYS B 118 -11.32 -26.53 -22.43
C CYS B 118 -11.18 -27.41 -23.68
N ILE B 119 -10.15 -27.17 -24.47
CA ILE B 119 -9.93 -27.94 -25.69
C ILE B 119 -9.23 -29.27 -25.44
N GLY B 120 -8.73 -29.48 -24.23
CA GLY B 120 -8.05 -30.73 -23.96
C GLY B 120 -8.84 -31.74 -23.17
N ARG B 121 -10.16 -31.63 -23.20
CA ARG B 121 -11.04 -32.53 -22.45
C ARG B 121 -11.04 -34.02 -22.79
N ILE B 122 -10.25 -34.43 -23.76
CA ILE B 122 -10.18 -35.85 -24.12
C ILE B 122 -9.41 -36.59 -23.03
N GLN B 123 -8.74 -35.81 -22.20
CA GLN B 123 -7.94 -36.30 -21.08
C GLN B 123 -8.73 -36.32 -19.78
N TRP B 124 -9.97 -35.85 -19.84
CA TRP B 124 -10.82 -35.74 -18.65
C TRP B 124 -10.79 -36.86 -17.61
N SER B 125 -10.54 -38.09 -18.02
CA SER B 125 -10.51 -39.19 -17.07
C SER B 125 -9.15 -39.46 -16.42
N ASN B 126 -8.11 -38.79 -16.93
CA ASN B 126 -6.76 -38.95 -16.39
C ASN B 126 -6.42 -37.71 -15.60
N LEU B 127 -6.83 -37.73 -14.34
CA LEU B 127 -6.63 -36.61 -13.43
C LEU B 127 -6.28 -37.11 -12.03
N GLN B 128 -5.22 -36.56 -11.46
CA GLN B 128 -4.79 -36.92 -10.12
C GLN B 128 -5.56 -36.05 -9.16
N VAL B 129 -6.21 -36.65 -8.18
CA VAL B 129 -6.96 -35.91 -7.19
C VAL B 129 -6.26 -35.95 -5.83
N PHE B 130 -6.00 -34.78 -5.28
CA PHE B 130 -5.35 -34.64 -3.99
C PHE B 130 -6.41 -34.14 -3.00
N ASP B 131 -6.86 -35.04 -2.12
CA ASP B 131 -7.87 -34.69 -1.14
C ASP B 131 -7.28 -33.94 0.05
N ALA B 132 -7.46 -32.62 0.05
CA ALA B 132 -6.96 -31.78 1.12
C ALA B 132 -8.15 -31.17 1.89
N ARG B 133 -9.27 -31.88 1.90
CA ARG B 133 -10.49 -31.41 2.57
C ARG B 133 -10.35 -31.29 4.08
N ASN B 134 -9.27 -31.89 4.58
CA ASN B 134 -8.93 -31.90 6.01
C ASN B 134 -8.12 -30.66 6.39
N CYS B 135 -7.55 -30.00 5.38
CA CYS B 135 -6.72 -28.80 5.60
C CYS B 135 -7.37 -27.83 6.56
N SER B 136 -6.52 -27.13 7.30
CA SER B 136 -7.02 -26.21 8.31
C SER B 136 -6.27 -24.87 8.42
N THR B 137 -5.03 -24.83 7.94
CA THR B 137 -4.25 -23.60 8.01
C THR B 137 -3.61 -23.22 6.67
N ALA B 138 -3.14 -21.97 6.59
CA ALA B 138 -2.49 -21.48 5.37
C ALA B 138 -1.25 -22.33 5.08
N GLN B 139 -0.41 -22.49 6.12
CA GLN B 139 0.81 -23.29 6.01
C GLN B 139 0.49 -24.69 5.48
N GLU B 140 -0.66 -25.23 5.88
CA GLU B 140 -1.05 -26.54 5.42
C GLU B 140 -1.38 -26.49 3.93
N MET B 141 -2.17 -25.47 3.53
CA MET B 141 -2.56 -25.26 2.13
C MET B 141 -1.27 -25.19 1.30
N PHE B 142 -0.41 -24.25 1.70
CA PHE B 142 0.87 -24.05 1.05
C PHE B 142 1.56 -25.39 0.83
N GLN B 143 1.54 -26.23 1.86
CA GLN B 143 2.16 -27.54 1.76
C GLN B 143 1.47 -28.39 0.70
N HIS B 144 0.14 -28.36 0.69
CA HIS B 144 -0.63 -29.12 -0.29
C HIS B 144 -0.36 -28.63 -1.71
N ILE B 145 -0.14 -27.33 -1.84
CA ILE B 145 0.11 -26.73 -3.13
C ILE B 145 1.51 -27.05 -3.63
N CYS B 146 2.46 -27.18 -2.72
CA CYS B 146 3.83 -27.49 -3.12
C CYS B 146 3.86 -28.95 -3.56
N ARG B 147 3.08 -29.77 -2.85
CA ARG B 147 2.97 -31.20 -3.14
C ARG B 147 2.39 -31.35 -4.53
N HIS B 148 1.44 -30.46 -4.82
CA HIS B 148 0.77 -30.45 -6.10
C HIS B 148 1.75 -30.04 -7.20
N ILE B 149 2.26 -28.81 -7.12
CA ILE B 149 3.22 -28.30 -8.12
C ILE B 149 4.29 -29.33 -8.42
N LEU B 150 4.77 -29.97 -7.37
CA LEU B 150 5.81 -30.98 -7.47
C LEU B 150 5.35 -32.24 -8.20
N TYR B 151 4.14 -32.72 -7.89
CA TYR B 151 3.64 -33.92 -8.55
C TYR B 151 3.33 -33.70 -10.02
N ALA B 152 2.69 -32.56 -10.29
CA ALA B 152 2.27 -32.17 -11.63
C ALA B 152 3.43 -31.82 -12.56
N THR B 153 4.43 -31.09 -12.05
CA THR B 153 5.60 -30.70 -12.86
C THR B 153 6.32 -31.97 -13.30
N ASN B 154 6.59 -32.84 -12.34
CA ASN B 154 7.22 -34.12 -12.59
C ASN B 154 8.48 -34.06 -13.47
N ASN B 155 9.31 -33.06 -13.24
CA ASN B 155 10.57 -32.89 -13.97
C ASN B 155 10.37 -32.69 -15.48
N GLY B 156 9.29 -32.04 -15.88
CA GLY B 156 9.08 -31.85 -17.30
C GLY B 156 7.97 -32.67 -17.89
N ASN B 157 7.79 -33.90 -17.40
CA ASN B 157 6.70 -34.75 -17.89
C ASN B 157 5.45 -34.40 -17.09
N ILE B 158 4.73 -33.40 -17.56
CA ILE B 158 3.54 -32.90 -16.90
C ILE B 158 2.40 -33.89 -16.71
N ARG B 159 1.86 -33.89 -15.50
CA ARG B 159 0.75 -34.74 -15.13
C ARG B 159 -0.42 -33.85 -14.66
N SER B 160 -1.64 -34.19 -15.08
CA SER B 160 -2.80 -33.40 -14.70
C SER B 160 -3.21 -33.76 -13.28
N ALA B 161 -3.55 -32.75 -12.48
CA ALA B 161 -3.93 -32.98 -11.09
C ALA B 161 -4.78 -31.86 -10.53
N ILE B 162 -5.38 -32.10 -9.38
CA ILE B 162 -6.20 -31.10 -8.74
C ILE B 162 -6.13 -31.31 -7.23
N THR B 163 -6.21 -30.23 -6.46
CA THR B 163 -6.17 -30.33 -5.02
C THR B 163 -7.43 -29.69 -4.46
N VAL B 164 -8.31 -30.52 -3.88
CA VAL B 164 -9.56 -30.04 -3.32
C VAL B 164 -9.41 -29.72 -1.83
N PHE B 165 -9.70 -28.47 -1.49
CA PHE B 165 -9.62 -27.98 -0.13
C PHE B 165 -11.02 -28.03 0.50
N PRO B 166 -11.13 -27.73 1.82
CA PRO B 166 -12.44 -27.77 2.48
C PRO B 166 -13.59 -27.08 1.74
N GLN B 167 -14.71 -27.79 1.58
CA GLN B 167 -15.88 -27.23 0.92
C GLN B 167 -16.41 -26.07 1.72
N ARG B 168 -17.05 -25.13 1.03
CA ARG B 168 -17.63 -23.97 1.69
C ARG B 168 -18.71 -24.45 2.65
N SER B 169 -18.97 -23.64 3.66
CA SER B 169 -19.95 -23.98 4.67
C SER B 169 -21.00 -22.89 4.80
N ASP B 170 -20.67 -21.89 5.60
CA ASP B 170 -21.58 -20.77 5.86
C ASP B 170 -21.19 -19.60 4.97
N GLY B 171 -20.23 -19.85 4.09
CA GLY B 171 -19.77 -18.82 3.19
C GLY B 171 -18.91 -17.79 3.91
N LYS B 172 -18.73 -17.98 5.21
CA LYS B 172 -17.92 -17.05 6.00
C LYS B 172 -16.57 -17.65 6.42
N HIS B 173 -16.28 -18.86 5.95
CA HIS B 173 -15.04 -19.56 6.26
C HIS B 173 -14.41 -20.15 5.01
N ASP B 174 -14.61 -19.45 3.88
CA ASP B 174 -14.09 -19.87 2.58
C ASP B 174 -12.56 -20.04 2.50
N PHE B 175 -12.12 -21.12 1.84
CA PHE B 175 -10.69 -21.32 1.61
C PHE B 175 -10.49 -20.72 0.22
N ARG B 176 -9.46 -19.89 0.05
CA ARG B 176 -9.25 -19.26 -1.23
C ARG B 176 -7.78 -19.01 -1.56
N LEU B 177 -7.46 -19.12 -2.85
CA LEU B 177 -6.12 -18.83 -3.34
C LEU B 177 -6.41 -17.51 -4.04
N TRP B 178 -5.73 -16.46 -3.64
CA TRP B 178 -5.95 -15.15 -4.23
C TRP B 178 -5.28 -14.98 -5.59
N ASN B 179 -4.43 -15.93 -5.93
CA ASN B 179 -3.75 -15.92 -7.22
C ASN B 179 -4.72 -16.38 -8.29
N SER B 180 -4.39 -16.09 -9.55
CA SER B 180 -5.20 -16.50 -10.67
C SER B 180 -4.67 -17.85 -11.15
N GLN B 181 -3.37 -18.06 -10.97
CA GLN B 181 -2.68 -19.29 -11.35
C GLN B 181 -1.61 -19.59 -10.30
N LEU B 182 -1.35 -20.88 -10.06
CA LEU B 182 -0.34 -21.29 -9.09
C LEU B 182 0.96 -20.52 -9.39
N ILE B 183 1.62 -20.84 -10.51
CA ILE B 183 2.83 -20.12 -10.90
C ILE B 183 2.47 -19.03 -11.91
N ARG B 184 2.93 -17.81 -11.67
CA ARG B 184 2.68 -16.73 -12.60
C ARG B 184 3.66 -15.58 -12.37
N TYR B 185 3.93 -14.79 -13.42
CA TYR B 185 4.87 -13.68 -13.31
C TYR B 185 4.27 -12.36 -12.83
N ALA B 186 5.02 -11.66 -11.99
CA ALA B 186 4.59 -10.37 -11.44
C ALA B 186 4.62 -9.27 -12.49
N GLY B 187 3.76 -8.28 -12.30
CA GLY B 187 3.67 -7.14 -13.20
C GLY B 187 3.81 -5.82 -12.45
N TYR B 188 4.78 -5.00 -12.87
CA TYR B 188 5.06 -3.71 -12.23
C TYR B 188 4.86 -2.53 -13.16
N GLN B 189 4.31 -1.44 -12.61
CA GLN B 189 4.12 -0.22 -13.38
C GLN B 189 5.17 0.77 -12.88
N MET B 190 6.31 0.78 -13.57
CA MET B 190 7.46 1.65 -13.24
C MET B 190 7.16 3.14 -13.11
N PRO B 191 8.06 3.89 -12.43
CA PRO B 191 7.85 5.33 -12.27
C PRO B 191 7.92 5.96 -13.67
N ASP B 192 8.88 5.49 -14.44
CA ASP B 192 9.09 5.94 -15.81
C ASP B 192 8.00 5.41 -16.74
N GLY B 193 6.73 5.67 -16.36
CA GLY B 193 5.56 5.26 -17.13
C GLY B 193 5.42 3.82 -17.57
N THR B 194 6.51 3.28 -18.10
CA THR B 194 6.59 1.91 -18.61
C THR B 194 6.06 0.82 -17.67
N ILE B 195 5.53 -0.24 -18.27
CA ILE B 195 5.01 -1.39 -17.52
C ILE B 195 5.97 -2.53 -17.73
N ARG B 196 6.49 -3.06 -16.63
CA ARG B 196 7.45 -4.15 -16.68
C ARG B 196 6.82 -5.48 -16.28
N GLY B 197 7.28 -6.56 -16.90
CA GLY B 197 6.74 -7.88 -16.61
C GLY B 197 5.40 -8.15 -17.29
N ASP B 198 4.57 -8.98 -16.66
CA ASP B 198 3.27 -9.30 -17.22
C ASP B 198 2.22 -8.30 -16.77
N ALA B 199 1.94 -7.36 -17.64
CA ALA B 199 0.96 -6.30 -17.38
C ALA B 199 -0.37 -6.81 -16.84
N ALA B 200 -0.75 -8.05 -17.18
CA ALA B 200 -2.01 -8.61 -16.73
C ALA B 200 -2.12 -8.74 -15.20
N THR B 201 -1.00 -8.94 -14.53
CA THR B 201 -0.97 -9.10 -13.07
C THR B 201 -0.59 -7.84 -12.28
N LEU B 202 -0.74 -6.68 -12.91
CA LEU B 202 -0.42 -5.42 -12.25
C LEU B 202 -1.13 -5.23 -10.91
N GLU B 203 -2.46 -5.35 -10.92
CA GLU B 203 -3.25 -5.16 -9.71
C GLU B 203 -2.93 -6.18 -8.61
N PHE B 204 -2.69 -7.43 -8.97
CA PHE B 204 -2.37 -8.45 -7.96
C PHE B 204 -0.98 -8.27 -7.41
N THR B 205 -0.02 -8.04 -8.30
CA THR B 205 1.37 -7.84 -7.89
C THR B 205 1.39 -6.76 -6.81
N GLN B 206 0.51 -5.77 -6.98
CA GLN B 206 0.41 -4.67 -6.02
C GLN B 206 -0.05 -5.25 -4.69
N LEU B 207 -1.20 -5.90 -4.71
CA LEU B 207 -1.74 -6.52 -3.50
C LEU B 207 -0.61 -7.26 -2.79
N CYS B 208 0.16 -8.04 -3.54
CA CYS B 208 1.27 -8.79 -2.97
C CYS B 208 2.26 -7.85 -2.28
N ILE B 209 2.55 -6.73 -2.95
CA ILE B 209 3.46 -5.74 -2.38
C ILE B 209 2.80 -5.10 -1.15
N ASP B 210 1.49 -4.87 -1.21
CA ASP B 210 0.78 -4.30 -0.08
C ASP B 210 0.75 -5.30 1.07
N LEU B 211 1.26 -6.50 0.83
CA LEU B 211 1.26 -7.51 1.86
C LEU B 211 2.64 -7.99 2.27
N GLY B 212 3.64 -7.13 2.16
CA GLY B 212 4.98 -7.51 2.58
C GLY B 212 5.87 -8.24 1.59
N TRP B 213 5.37 -8.51 0.39
CA TRP B 213 6.19 -9.20 -0.61
C TRP B 213 7.17 -8.18 -1.19
N LYS B 214 8.45 -8.54 -1.18
CA LYS B 214 9.48 -7.66 -1.72
C LYS B 214 9.51 -7.78 -3.23
N PRO B 215 9.19 -6.69 -3.95
CA PRO B 215 9.17 -6.65 -5.41
C PRO B 215 10.58 -6.60 -6.01
N ARG B 216 10.87 -7.45 -6.98
CA ARG B 216 12.20 -7.44 -7.60
C ARG B 216 12.24 -6.64 -8.89
N TYR B 217 11.09 -6.11 -9.29
CA TYR B 217 10.97 -5.27 -10.49
C TYR B 217 11.57 -5.81 -11.80
N GLY B 218 11.57 -7.14 -11.98
CA GLY B 218 12.10 -7.74 -13.19
C GLY B 218 11.01 -8.02 -14.23
N ARG B 219 11.32 -8.85 -15.22
CA ARG B 219 10.33 -9.20 -16.26
C ARG B 219 9.66 -10.52 -15.97
N PHE B 220 10.38 -11.41 -15.29
CA PHE B 220 9.85 -12.72 -14.98
C PHE B 220 9.93 -13.12 -13.50
N ASP B 221 9.56 -12.21 -12.60
CA ASP B 221 9.56 -12.50 -11.17
C ASP B 221 8.33 -13.35 -10.84
N VAL B 222 8.53 -14.54 -10.27
CA VAL B 222 7.39 -15.37 -9.92
C VAL B 222 6.69 -14.78 -8.70
N LEU B 223 5.38 -14.59 -8.82
CA LEU B 223 4.56 -14.04 -7.76
C LEU B 223 4.41 -15.03 -6.61
N PRO B 224 4.21 -14.52 -5.38
CA PRO B 224 4.05 -15.39 -4.21
C PRO B 224 2.66 -16.00 -4.13
N LEU B 225 2.53 -17.04 -3.31
CA LEU B 225 1.23 -17.66 -3.11
C LEU B 225 0.55 -16.86 -2.00
N VAL B 226 -0.67 -16.41 -2.23
CA VAL B 226 -1.43 -15.66 -1.23
C VAL B 226 -2.55 -16.59 -0.85
N LEU B 227 -2.49 -17.15 0.36
CA LEU B 227 -3.50 -18.12 0.77
C LEU B 227 -4.43 -17.71 1.91
N GLN B 228 -5.70 -18.04 1.73
CA GLN B 228 -6.75 -17.73 2.70
C GLN B 228 -7.37 -19.03 3.20
N ALA B 229 -7.11 -19.39 4.45
CA ALA B 229 -7.65 -20.62 5.01
C ALA B 229 -8.77 -20.36 6.02
N ASP B 230 -9.85 -21.11 5.89
CA ASP B 230 -10.97 -20.97 6.82
C ASP B 230 -11.36 -19.51 7.01
N GLY B 231 -11.74 -18.84 5.93
CA GLY B 231 -12.15 -17.44 5.99
C GLY B 231 -11.18 -16.45 6.59
N GLN B 232 -10.04 -16.91 7.08
CA GLN B 232 -9.06 -16.01 7.68
C GLN B 232 -8.45 -15.03 6.68
N ASP B 233 -7.65 -14.10 7.18
CA ASP B 233 -7.00 -13.13 6.31
C ASP B 233 -5.95 -13.90 5.52
N PRO B 234 -5.56 -13.37 4.35
CA PRO B 234 -4.55 -14.02 3.50
C PRO B 234 -3.12 -13.99 4.03
N GLU B 235 -2.41 -15.09 3.79
CA GLU B 235 -1.01 -15.22 4.19
C GLU B 235 -0.14 -15.40 2.94
N VAL B 236 0.99 -14.72 2.88
CA VAL B 236 1.89 -14.81 1.72
C VAL B 236 2.95 -15.92 1.87
N PHE B 237 3.25 -16.60 0.77
CA PHE B 237 4.25 -17.67 0.75
C PHE B 237 5.07 -17.70 -0.53
N GLU B 238 6.38 -17.55 -0.41
CA GLU B 238 7.23 -17.58 -1.58
C GLU B 238 7.23 -19.04 -2.03
N ILE B 239 7.02 -19.28 -3.32
CA ILE B 239 7.02 -20.64 -3.84
C ILE B 239 8.46 -21.14 -3.98
N PRO B 240 8.79 -22.26 -3.32
CA PRO B 240 10.14 -22.81 -3.41
C PRO B 240 10.63 -22.83 -4.87
N PRO B 241 11.62 -21.99 -5.20
CA PRO B 241 12.21 -21.88 -6.54
C PRO B 241 12.49 -23.20 -7.24
N ASP B 242 12.93 -24.20 -6.49
CA ASP B 242 13.22 -25.52 -7.06
C ASP B 242 11.98 -26.21 -7.60
N LEU B 243 10.80 -25.73 -7.22
CA LEU B 243 9.53 -26.32 -7.66
C LEU B 243 8.99 -25.67 -8.92
N VAL B 244 9.56 -24.53 -9.30
CA VAL B 244 9.12 -23.83 -10.50
C VAL B 244 10.04 -24.13 -11.69
N LEU B 245 9.52 -24.92 -12.63
CA LEU B 245 10.26 -25.30 -13.83
C LEU B 245 9.90 -24.31 -14.91
N GLU B 246 10.92 -23.74 -15.53
CA GLU B 246 10.73 -22.75 -16.56
C GLU B 246 11.48 -23.15 -17.83
N VAL B 247 10.93 -22.76 -18.97
CA VAL B 247 11.55 -23.07 -20.26
C VAL B 247 12.06 -21.79 -20.92
N THR B 248 13.36 -21.74 -21.18
CA THR B 248 13.99 -20.58 -21.82
C THR B 248 13.73 -20.64 -23.32
N MET B 249 13.15 -19.56 -23.84
CA MET B 249 12.76 -19.49 -25.24
C MET B 249 13.85 -19.23 -26.28
N GLU B 250 14.02 -20.19 -27.19
CA GLU B 250 15.00 -20.08 -28.27
C GLU B 250 14.44 -20.66 -29.57
N HIS B 251 14.69 -19.98 -30.69
CA HIS B 251 14.22 -20.41 -32.01
C HIS B 251 15.24 -21.34 -32.66
N PRO B 252 14.79 -22.39 -33.37
CA PRO B 252 15.64 -23.37 -34.06
C PRO B 252 16.44 -22.88 -35.27
N LYS B 253 16.20 -21.66 -35.72
CA LYS B 253 16.93 -21.13 -36.87
C LYS B 253 17.39 -19.73 -36.59
N TYR B 254 16.55 -18.95 -35.92
CA TYR B 254 16.90 -17.58 -35.58
C TYR B 254 17.56 -17.59 -34.22
N GLU B 255 18.88 -17.74 -34.18
CA GLU B 255 19.57 -17.78 -32.91
C GLU B 255 19.58 -16.41 -32.23
N TRP B 256 19.08 -15.40 -32.93
CA TRP B 256 18.99 -14.08 -32.33
C TRP B 256 17.74 -14.07 -31.45
N PHE B 257 16.97 -15.14 -31.49
CA PHE B 257 15.73 -15.21 -30.70
C PHE B 257 16.05 -15.22 -29.22
N GLN B 258 17.09 -15.96 -28.85
CA GLN B 258 17.51 -16.05 -27.45
C GLN B 258 17.79 -14.68 -26.87
N GLU B 259 18.25 -13.78 -27.72
CA GLU B 259 18.57 -12.42 -27.29
C GLU B 259 17.38 -11.64 -26.78
N LEU B 260 16.18 -12.18 -26.93
CA LEU B 260 14.99 -11.51 -26.44
C LEU B 260 14.89 -11.79 -24.94
N GLY B 261 15.59 -12.84 -24.51
CA GLY B 261 15.61 -13.22 -23.11
C GLY B 261 14.23 -13.52 -22.60
N LEU B 262 13.56 -14.45 -23.26
CA LEU B 262 12.21 -14.86 -22.90
C LEU B 262 12.21 -16.26 -22.31
N LYS B 263 11.23 -16.52 -21.45
CA LYS B 263 11.09 -17.82 -20.83
C LYS B 263 9.67 -17.88 -20.28
N TRP B 264 9.22 -19.07 -19.90
CA TRP B 264 7.89 -19.18 -19.36
C TRP B 264 7.84 -20.42 -18.49
N TYR B 265 6.91 -20.44 -17.53
CA TYR B 265 6.78 -21.60 -16.67
C TYR B 265 6.08 -22.75 -17.40
N ALA B 266 6.46 -23.98 -17.07
CA ALA B 266 5.87 -25.16 -17.70
C ALA B 266 4.49 -25.56 -17.19
N LEU B 267 4.20 -25.23 -15.94
CA LEU B 267 2.93 -25.62 -15.33
C LEU B 267 1.77 -24.64 -15.43
N PRO B 268 0.77 -24.94 -16.29
CA PRO B 268 -0.37 -24.03 -16.40
C PRO B 268 -1.35 -24.57 -15.37
N ALA B 269 -1.51 -23.85 -14.25
CA ALA B 269 -2.41 -24.30 -13.19
C ALA B 269 -3.37 -23.20 -12.76
N VAL B 270 -4.65 -23.40 -13.02
CA VAL B 270 -5.67 -22.42 -12.65
C VAL B 270 -5.81 -22.51 -11.13
N ALA B 271 -5.84 -21.36 -10.47
CA ALA B 271 -5.91 -21.35 -9.02
C ALA B 271 -7.11 -20.69 -8.39
N ASN B 272 -7.95 -20.03 -9.17
CA ASN B 272 -9.09 -19.34 -8.57
C ASN B 272 -10.51 -19.72 -8.95
N MET B 273 -10.71 -20.89 -9.52
CA MET B 273 -12.06 -21.28 -9.88
C MET B 273 -12.78 -22.05 -8.78
N LEU B 274 -14.10 -22.14 -8.90
CA LEU B 274 -14.94 -22.85 -7.94
C LEU B 274 -15.54 -24.12 -8.50
N LEU B 275 -15.40 -25.20 -7.72
CA LEU B 275 -15.91 -26.51 -8.11
C LEU B 275 -17.25 -26.75 -7.45
N GLU B 276 -18.28 -26.93 -8.27
CA GLU B 276 -19.61 -27.17 -7.77
C GLU B 276 -19.97 -28.64 -8.06
N VAL B 277 -20.48 -29.32 -7.03
CA VAL B 277 -20.88 -30.71 -7.20
C VAL B 277 -22.01 -30.96 -6.22
N GLY B 278 -23.13 -31.46 -6.73
CA GLY B 278 -24.28 -31.75 -5.89
C GLY B 278 -24.66 -30.70 -4.85
N GLY B 279 -24.63 -29.43 -5.23
CA GLY B 279 -25.01 -28.38 -4.30
C GLY B 279 -23.87 -27.87 -3.45
N LEU B 280 -22.80 -28.67 -3.38
CA LEU B 280 -21.61 -28.30 -2.61
C LEU B 280 -20.76 -27.36 -3.45
N GLU B 281 -20.04 -26.49 -2.77
CA GLU B 281 -19.17 -25.54 -3.44
C GLU B 281 -17.78 -25.64 -2.83
N PHE B 282 -16.78 -25.74 -3.70
CA PHE B 282 -15.39 -25.80 -3.27
C PHE B 282 -14.74 -24.58 -3.88
N PRO B 283 -14.66 -23.48 -3.11
CA PRO B 283 -14.05 -22.25 -3.62
C PRO B 283 -12.54 -22.28 -3.72
N ALA B 284 -11.93 -23.37 -3.27
CA ALA B 284 -10.48 -23.52 -3.34
C ALA B 284 -10.15 -24.90 -3.88
N CYS B 285 -9.61 -24.96 -5.10
CA CYS B 285 -9.26 -26.23 -5.73
C CYS B 285 -8.36 -26.07 -6.97
N PRO B 286 -7.07 -25.80 -6.76
CA PRO B 286 -6.17 -25.64 -7.91
C PRO B 286 -6.09 -26.90 -8.77
N PHE B 287 -6.10 -26.71 -10.08
CA PHE B 287 -5.98 -27.83 -11.03
C PHE B 287 -5.02 -27.42 -12.14
N ASN B 288 -4.48 -28.40 -12.85
CA ASN B 288 -3.55 -28.11 -13.93
C ASN B 288 -3.54 -29.23 -14.95
N GLY B 289 -3.01 -28.89 -16.12
CA GLY B 289 -2.86 -29.84 -17.20
C GLY B 289 -1.54 -29.42 -17.82
N TRP B 290 -1.41 -29.52 -19.13
CA TRP B 290 -0.18 -29.07 -19.77
C TRP B 290 -0.56 -28.01 -20.80
N TYR B 291 0.44 -27.27 -21.26
CA TYR B 291 0.22 -26.19 -22.21
C TYR B 291 -0.11 -26.53 -23.65
N MET B 292 -0.73 -25.56 -24.30
CA MET B 292 -1.03 -25.64 -25.71
C MET B 292 -0.22 -24.45 -26.21
N GLY B 293 0.76 -24.74 -27.07
CA GLY B 293 1.64 -23.70 -27.58
C GLY B 293 1.13 -22.28 -27.72
N THR B 294 -0.04 -22.13 -28.34
CA THR B 294 -0.65 -20.82 -28.58
C THR B 294 -0.93 -20.01 -27.30
N GLU B 295 -1.06 -20.69 -26.16
CA GLU B 295 -1.32 -19.98 -24.90
C GLU B 295 -0.13 -19.09 -24.56
N ILE B 296 1.07 -19.63 -24.75
CA ILE B 296 2.29 -18.91 -24.47
C ILE B 296 2.73 -18.14 -25.73
N GLY B 297 2.86 -18.84 -26.85
CA GLY B 297 3.28 -18.18 -28.06
C GLY B 297 2.40 -17.07 -28.60
N VAL B 298 1.08 -17.25 -28.60
CA VAL B 298 0.18 -16.23 -29.15
C VAL B 298 -0.33 -15.23 -28.12
N ARG B 299 -0.98 -15.74 -27.09
CA ARG B 299 -1.55 -14.90 -26.06
C ARG B 299 -0.59 -14.26 -25.07
N ASP B 300 0.13 -15.08 -24.31
CA ASP B 300 1.07 -14.55 -23.32
C ASP B 300 2.17 -13.63 -23.89
N PHE B 301 2.77 -14.02 -25.02
CA PHE B 301 3.82 -13.20 -25.63
C PHE B 301 3.35 -12.09 -26.56
N CYS B 302 2.44 -12.39 -27.48
CA CYS B 302 1.97 -11.39 -28.44
C CYS B 302 0.79 -10.50 -28.07
N ASP B 303 0.05 -10.84 -27.02
CA ASP B 303 -1.08 -10.00 -26.63
C ASP B 303 -0.60 -8.62 -26.27
N THR B 304 -1.29 -7.62 -26.80
CA THR B 304 -0.97 -6.22 -26.51
C THR B 304 -0.93 -5.98 -25.00
N GLN B 305 -1.92 -6.53 -24.31
CA GLN B 305 -2.08 -6.42 -22.86
C GLN B 305 -1.15 -7.33 -22.05
N ARG B 306 -0.28 -8.08 -22.72
CA ARG B 306 0.64 -8.98 -22.02
C ARG B 306 2.12 -8.62 -22.25
N TYR B 307 2.89 -9.50 -22.88
CA TYR B 307 4.30 -9.23 -23.13
C TYR B 307 4.55 -8.52 -24.45
N ASN B 308 3.49 -8.37 -25.24
CA ASN B 308 3.55 -7.69 -26.52
C ASN B 308 4.91 -7.69 -27.21
N ILE B 309 5.44 -8.87 -27.53
CA ILE B 309 6.75 -9.00 -28.18
C ILE B 309 6.65 -9.08 -29.70
N LEU B 310 5.50 -8.73 -30.26
CA LEU B 310 5.30 -8.87 -31.70
C LEU B 310 6.07 -7.91 -32.62
N GLU B 311 6.12 -6.64 -32.27
CA GLU B 311 6.83 -5.65 -33.10
C GLU B 311 8.35 -5.92 -33.08
N GLU B 312 8.88 -6.24 -31.91
CA GLU B 312 10.31 -6.52 -31.77
C GLU B 312 10.69 -7.69 -32.66
N VAL B 313 9.94 -8.79 -32.54
CA VAL B 313 10.22 -9.98 -33.35
C VAL B 313 10.06 -9.69 -34.85
N GLY B 314 9.16 -8.78 -35.18
CA GLY B 314 8.94 -8.43 -36.58
C GLY B 314 10.12 -7.70 -37.18
N ARG B 315 10.69 -6.77 -36.41
CA ARG B 315 11.85 -5.99 -36.83
C ARG B 315 13.08 -6.87 -36.97
N ARG B 316 13.32 -7.71 -35.97
CA ARG B 316 14.47 -8.59 -36.01
C ARG B 316 14.38 -9.61 -37.13
N MET B 317 13.24 -9.64 -37.80
CA MET B 317 13.06 -10.55 -38.92
C MET B 317 13.15 -9.74 -40.19
N GLY B 318 13.40 -8.44 -40.00
CA GLY B 318 13.53 -7.52 -41.12
C GLY B 318 12.29 -7.51 -41.98
N LEU B 319 11.15 -7.28 -41.34
CA LEU B 319 9.88 -7.25 -42.04
C LEU B 319 9.33 -5.82 -42.04
N GLU B 320 8.39 -5.55 -42.93
CA GLU B 320 7.81 -4.22 -43.06
C GLU B 320 6.86 -3.92 -41.91
N THR B 321 7.45 -3.74 -40.73
CA THR B 321 6.72 -3.45 -39.51
C THR B 321 5.72 -2.29 -39.64
N HIS B 322 5.93 -1.39 -40.60
CA HIS B 322 5.03 -0.25 -40.75
C HIS B 322 4.06 -0.35 -41.93
N THR B 323 3.90 -1.56 -42.46
CA THR B 323 2.98 -1.80 -43.56
C THR B 323 2.15 -3.01 -43.14
N LEU B 324 1.03 -2.75 -42.49
CA LEU B 324 0.14 -3.79 -42.00
C LEU B 324 -0.20 -4.83 -43.06
N ALA B 325 -0.55 -4.36 -44.26
CA ALA B 325 -0.91 -5.23 -45.37
C ALA B 325 0.16 -6.23 -45.80
N SER B 326 1.36 -6.16 -45.22
CA SER B 326 2.41 -7.09 -45.61
C SER B 326 2.24 -8.42 -44.90
N LEU B 327 1.34 -8.45 -43.91
CA LEU B 327 1.07 -9.66 -43.13
C LEU B 327 2.26 -10.12 -42.27
N TRP B 328 3.04 -9.17 -41.80
CA TRP B 328 4.20 -9.49 -40.98
C TRP B 328 3.79 -10.03 -39.62
N LYS B 329 2.69 -9.53 -39.08
CA LYS B 329 2.22 -10.01 -37.79
C LYS B 329 2.01 -11.52 -37.89
N ASP B 330 1.46 -11.97 -39.03
CA ASP B 330 1.21 -13.39 -39.30
C ASP B 330 2.55 -14.10 -39.36
N ARG B 331 3.49 -13.49 -40.09
CA ARG B 331 4.84 -14.02 -40.25
C ARG B 331 5.52 -14.20 -38.88
N ALA B 332 5.48 -13.14 -38.09
CA ALA B 332 6.10 -13.13 -36.77
C ALA B 332 5.52 -14.14 -35.81
N VAL B 333 4.25 -13.93 -35.49
CA VAL B 333 3.55 -14.80 -34.56
C VAL B 333 3.83 -16.28 -34.79
N THR B 334 4.00 -16.68 -36.05
CA THR B 334 4.27 -18.08 -36.33
C THR B 334 5.68 -18.49 -35.93
N GLU B 335 6.64 -17.59 -36.07
CA GLU B 335 8.00 -17.92 -35.68
C GLU B 335 8.06 -18.03 -34.15
N ILE B 336 7.31 -17.16 -33.47
CA ILE B 336 7.25 -17.17 -32.02
C ILE B 336 6.57 -18.46 -31.54
N ASN B 337 5.67 -18.98 -32.37
CA ASN B 337 4.98 -20.21 -32.03
C ASN B 337 5.91 -21.40 -32.17
N VAL B 338 6.79 -21.34 -33.17
CA VAL B 338 7.75 -22.40 -33.40
C VAL B 338 8.79 -22.40 -32.26
N ALA B 339 9.24 -21.21 -31.88
CA ALA B 339 10.21 -21.06 -30.80
C ALA B 339 9.68 -21.73 -29.52
N VAL B 340 8.46 -21.37 -29.14
CA VAL B 340 7.83 -21.91 -27.95
C VAL B 340 7.77 -23.44 -28.00
N LEU B 341 7.21 -24.00 -29.08
CA LEU B 341 7.11 -25.45 -29.21
C LEU B 341 8.47 -26.11 -29.18
N HIS B 342 9.38 -25.56 -29.98
CA HIS B 342 10.73 -26.09 -30.10
C HIS B 342 11.49 -26.10 -28.78
N SER B 343 11.36 -25.01 -28.02
CA SER B 343 12.03 -24.88 -26.73
C SER B 343 11.49 -25.88 -25.70
N PHE B 344 10.17 -26.06 -25.65
CA PHE B 344 9.56 -27.01 -24.72
C PHE B 344 9.99 -28.45 -25.07
N GLN B 345 10.13 -28.72 -26.36
CA GLN B 345 10.53 -30.04 -26.81
C GLN B 345 12.00 -30.31 -26.54
N LYS B 346 12.83 -29.28 -26.75
CA LYS B 346 14.26 -29.45 -26.54
C LYS B 346 14.57 -29.66 -25.07
N GLN B 347 13.79 -29.02 -24.20
CA GLN B 347 14.01 -29.17 -22.76
C GLN B 347 13.12 -30.22 -22.12
N ASN B 348 12.56 -31.08 -22.97
CA ASN B 348 11.68 -32.19 -22.58
C ASN B 348 10.52 -31.83 -21.67
N VAL B 349 9.77 -30.80 -22.02
CA VAL B 349 8.62 -30.40 -21.22
C VAL B 349 7.38 -30.64 -22.07
N THR B 350 6.38 -31.29 -21.49
CA THR B 350 5.15 -31.58 -22.19
C THR B 350 4.46 -30.32 -22.72
N ILE B 351 3.99 -30.40 -23.96
CA ILE B 351 3.30 -29.31 -24.63
C ILE B 351 2.66 -29.80 -25.91
N MET B 352 1.53 -29.22 -26.27
CA MET B 352 0.85 -29.61 -27.49
C MET B 352 0.51 -28.44 -28.41
N ASP B 353 0.74 -28.65 -29.71
CA ASP B 353 0.45 -27.63 -30.69
C ASP B 353 -1.06 -27.55 -30.86
N HIS B 354 -1.55 -26.43 -31.40
CA HIS B 354 -2.98 -26.23 -31.57
C HIS B 354 -3.68 -27.11 -32.58
N HIS B 355 -2.96 -27.54 -33.61
CA HIS B 355 -3.57 -28.39 -34.64
C HIS B 355 -3.90 -29.75 -34.04
N THR B 356 -2.88 -30.40 -33.50
CA THR B 356 -3.03 -31.70 -32.87
C THR B 356 -4.13 -31.58 -31.80
N ALA B 357 -4.04 -30.52 -31.00
CA ALA B 357 -5.01 -30.27 -29.93
C ALA B 357 -6.42 -30.17 -30.50
N SER B 358 -6.55 -29.44 -31.60
CA SER B 358 -7.85 -29.26 -32.24
C SER B 358 -8.37 -30.60 -32.74
N GLU B 359 -7.47 -31.43 -33.27
CA GLU B 359 -7.88 -32.74 -33.76
C GLU B 359 -8.35 -33.66 -32.63
N SER B 360 -7.59 -33.69 -31.54
CA SER B 360 -7.98 -34.53 -30.42
C SER B 360 -9.35 -34.14 -29.87
N PHE B 361 -9.61 -32.85 -29.74
CA PHE B 361 -10.91 -32.41 -29.22
C PHE B 361 -12.04 -32.89 -30.13
N MET B 362 -11.82 -32.85 -31.43
CA MET B 362 -12.80 -33.31 -32.41
C MET B 362 -13.11 -34.78 -32.15
N LYS B 363 -12.06 -35.56 -31.92
CA LYS B 363 -12.22 -36.98 -31.61
C LYS B 363 -13.01 -37.14 -30.33
N HIS B 364 -12.59 -36.39 -29.31
CA HIS B 364 -13.23 -36.41 -28.00
C HIS B 364 -14.72 -36.11 -28.11
N MET B 365 -15.02 -34.99 -28.76
CA MET B 365 -16.38 -34.55 -28.94
C MET B 365 -17.23 -35.63 -29.59
N GLN B 366 -16.63 -36.36 -30.51
CA GLN B 366 -17.35 -37.44 -31.16
C GLN B 366 -17.63 -38.55 -30.16
N ASN B 367 -16.63 -38.89 -29.35
CA ASN B 367 -16.83 -39.92 -28.33
C ASN B 367 -17.99 -39.46 -27.45
N GLU B 368 -17.98 -38.18 -27.09
CA GLU B 368 -19.00 -37.60 -26.22
C GLU B 368 -20.43 -37.76 -26.73
N TYR B 369 -20.63 -37.54 -28.02
CA TYR B 369 -21.96 -37.70 -28.56
C TYR B 369 -22.40 -39.16 -28.52
N ARG B 370 -21.44 -40.08 -28.71
CA ARG B 370 -21.73 -41.51 -28.64
C ARG B 370 -22.01 -41.91 -27.19
N ALA B 371 -21.20 -41.35 -26.29
CA ALA B 371 -21.28 -41.63 -24.87
C ALA B 371 -22.48 -41.06 -24.16
N ARG B 372 -22.87 -39.86 -24.52
CA ARG B 372 -24.02 -39.24 -23.88
C ARG B 372 -24.75 -38.19 -24.70
N GLY B 373 -24.67 -38.29 -26.02
CA GLY B 373 -25.38 -37.36 -26.89
C GLY B 373 -25.20 -35.88 -26.57
N GLY B 374 -23.95 -35.43 -26.55
CA GLY B 374 -23.70 -34.02 -26.27
C GLY B 374 -22.33 -33.77 -25.68
N CYS B 375 -21.87 -32.53 -25.87
CA CYS B 375 -20.58 -32.06 -25.36
C CYS B 375 -20.63 -30.54 -25.30
N PRO B 376 -20.84 -29.97 -24.11
CA PRO B 376 -20.89 -28.51 -24.01
C PRO B 376 -19.58 -27.90 -24.50
N ALA B 377 -19.67 -27.10 -25.55
CA ALA B 377 -18.49 -26.48 -26.12
C ALA B 377 -18.69 -25.00 -26.42
N ASP B 378 -17.69 -24.21 -26.07
CA ASP B 378 -17.71 -22.78 -26.32
C ASP B 378 -16.83 -22.54 -27.54
N TRP B 379 -17.44 -22.50 -28.72
CA TRP B 379 -16.72 -22.29 -29.98
C TRP B 379 -15.66 -21.19 -29.91
N ILE B 380 -16.02 -20.07 -29.28
CA ILE B 380 -15.16 -18.91 -29.15
C ILE B 380 -13.85 -19.11 -28.34
N TRP B 381 -13.85 -20.06 -27.43
CA TRP B 381 -12.66 -20.34 -26.65
C TRP B 381 -11.90 -21.52 -27.22
N LEU B 382 -12.63 -22.47 -27.79
CA LEU B 382 -12.06 -23.68 -28.36
C LEU B 382 -11.22 -23.52 -29.62
N VAL B 383 -11.58 -22.56 -30.47
CA VAL B 383 -10.82 -22.31 -31.69
C VAL B 383 -9.56 -21.54 -31.35
N PRO B 384 -8.38 -22.09 -31.70
CA PRO B 384 -7.09 -21.45 -31.42
C PRO B 384 -7.00 -19.97 -31.86
N PRO B 385 -6.27 -19.15 -31.10
CA PRO B 385 -6.10 -17.71 -31.38
C PRO B 385 -5.37 -17.39 -32.67
N VAL B 386 -5.11 -18.42 -33.47
CA VAL B 386 -4.46 -18.31 -34.78
C VAL B 386 -4.77 -19.57 -35.59
N SER B 387 -4.70 -19.46 -36.91
CA SER B 387 -4.96 -20.59 -37.81
C SER B 387 -6.37 -21.14 -37.61
N GLY B 388 -7.27 -20.25 -37.19
CA GLY B 388 -8.65 -20.63 -36.95
C GLY B 388 -9.24 -21.63 -37.92
N SER B 389 -9.67 -21.16 -39.10
CA SER B 389 -10.28 -22.03 -40.09
C SER B 389 -9.38 -23.16 -40.57
N ILE B 390 -8.11 -23.14 -40.18
CA ILE B 390 -7.18 -24.20 -40.58
C ILE B 390 -7.33 -25.39 -39.64
N THR B 391 -8.13 -25.23 -38.59
CA THR B 391 -8.36 -26.29 -37.61
C THR B 391 -9.82 -26.76 -37.73
N PRO B 392 -10.07 -28.07 -37.58
CA PRO B 392 -11.43 -28.60 -37.67
C PRO B 392 -12.46 -28.04 -36.69
N VAL B 393 -12.03 -27.53 -35.55
CA VAL B 393 -12.97 -27.00 -34.58
C VAL B 393 -13.73 -25.80 -35.12
N PHE B 394 -13.05 -24.98 -35.89
CA PHE B 394 -13.64 -23.79 -36.49
C PHE B 394 -14.86 -24.15 -37.35
N HIS B 395 -14.83 -25.32 -37.98
CA HIS B 395 -15.91 -25.78 -38.86
C HIS B 395 -16.98 -26.66 -38.19
N GLN B 396 -16.94 -26.75 -36.87
CA GLN B 396 -17.89 -27.55 -36.11
C GLN B 396 -18.86 -26.67 -35.33
N GLU B 397 -20.15 -26.76 -35.63
CA GLU B 397 -21.15 -25.99 -34.90
C GLU B 397 -21.19 -26.66 -33.56
N MET B 398 -21.46 -25.91 -32.49
CA MET B 398 -21.49 -26.51 -31.15
C MET B 398 -22.50 -25.82 -30.25
N LEU B 399 -22.93 -26.55 -29.22
CA LEU B 399 -23.88 -25.99 -28.26
C LEU B 399 -23.17 -25.77 -26.94
N ASN B 400 -23.38 -24.60 -26.35
CA ASN B 400 -22.73 -24.27 -25.10
C ASN B 400 -23.78 -24.17 -23.97
N TYR B 401 -23.59 -24.95 -22.92
CA TYR B 401 -24.49 -24.98 -21.78
C TYR B 401 -23.78 -25.44 -20.50
N VAL B 402 -24.28 -24.98 -19.35
CA VAL B 402 -23.69 -25.30 -18.05
C VAL B 402 -24.31 -26.50 -17.36
N LEU B 403 -23.55 -27.60 -17.28
CA LEU B 403 -24.01 -28.81 -16.62
C LEU B 403 -23.51 -28.83 -15.18
N SER B 404 -23.44 -30.02 -14.58
CA SER B 404 -22.93 -30.16 -13.23
C SER B 404 -22.40 -31.57 -13.06
N PRO B 405 -21.25 -31.73 -12.36
CA PRO B 405 -20.43 -30.70 -11.72
C PRO B 405 -19.88 -29.66 -12.70
N PHE B 406 -19.33 -28.58 -12.16
CA PHE B 406 -18.84 -27.51 -12.99
C PHE B 406 -17.78 -26.64 -12.30
N TYR B 407 -16.89 -26.06 -13.10
CA TYR B 407 -15.85 -25.18 -12.60
C TYR B 407 -16.30 -23.75 -12.92
N TYR B 408 -16.78 -23.05 -11.90
CA TYR B 408 -17.26 -21.68 -12.05
C TYR B 408 -16.16 -20.67 -11.74
N TYR B 409 -16.39 -19.42 -12.14
CA TYR B 409 -15.45 -18.35 -11.86
C TYR B 409 -15.91 -17.79 -10.51
N GLN B 410 -15.14 -16.87 -9.93
CA GLN B 410 -15.52 -16.28 -8.65
C GLN B 410 -15.14 -14.81 -8.65
N ILE B 411 -15.70 -14.04 -7.70
CA ILE B 411 -15.39 -12.62 -7.59
C ILE B 411 -14.03 -12.49 -6.90
N GLU B 412 -13.20 -11.57 -7.38
CA GLU B 412 -11.89 -11.39 -6.79
C GLU B 412 -12.01 -11.19 -5.28
N PRO B 413 -11.37 -12.07 -4.50
CA PRO B 413 -11.41 -12.04 -3.03
C PRO B 413 -11.04 -10.71 -2.36
N TRP B 414 -10.03 -10.00 -2.87
CA TRP B 414 -9.67 -8.74 -2.23
C TRP B 414 -10.81 -7.72 -2.33
N LYS B 415 -11.95 -8.16 -2.83
CA LYS B 415 -13.13 -7.29 -2.96
C LYS B 415 -14.21 -7.80 -2.00
N THR B 416 -14.40 -9.10 -1.99
CA THR B 416 -15.38 -9.74 -1.12
C THR B 416 -14.64 -10.33 0.10
N HIS B 417 -14.02 -9.45 0.90
CA HIS B 417 -13.28 -9.86 2.09
C HIS B 417 -13.25 -8.72 3.10
N ILE B 418 -13.39 -9.06 4.38
CA ILE B 418 -13.37 -8.06 5.45
C ILE B 418 -12.18 -8.40 6.32
N TRP B 419 -11.19 -7.52 6.38
CA TRP B 419 -10.00 -7.80 7.17
C TRP B 419 -10.17 -7.75 8.69
#